data_8WIH
#
_entry.id   8WIH
#
_cell.length_a   87.175
_cell.length_b   109.376
_cell.length_c   113.793
_cell.angle_alpha   90.00
_cell.angle_beta   90.00
_cell.angle_gamma   90.00
#
_symmetry.space_group_name_H-M   'P 21 21 21'
#
loop_
_entity.id
_entity.type
_entity.pdbx_description
1 polymer 'Threonine--tRNA ligase'
2 non-polymer "ADENOSINE-5'-TRIPHOSPHATE"
3 non-polymer 'ZINC ION'
4 water water
#
_entity_poly.entity_id   1
_entity_poly.type   'polypeptide(L)'
_entity_poly.pdbx_seq_one_letter_code
;MRDHRKIGKQLDLYHMQEEAPGMVFWHNDGWTIFRELEVFVRSKLKEYQYQEVKGPFMMDRVLWEKTGHWDNYKDAMFTT
SSENREYCIKPMNCPGHVQIFNQGLKSYRDLPLRMAEFGSCHRNEPSGSLHGLMRVRGFTQDDAHIFCTEEQIRDEVNGC
IRLVYDMYSTFGFEKIVVKLSTRPEKRIGSDEMWDRAEADLAVALEENNIPFEYQLGEGAFYAPKIEFTLYDCLDRAWQC
GTVQLDFSLPSRLSASYVGEDNERKVPVMIHRAILGSMERFIGILTEEFAGFFPTWLAPVQVVIMNITDSQSEYVNELTQ
KLSNAGIRVKADLRNEKIGFKIREHTLRRVPYMLVCGDKEVESGKVAVRTRRGKDLGSMDVNEVIEKLQQEIRSRSLKQL
EELEHHHHHH
;
_entity_poly.pdbx_strand_id   A,B
#
loop_
_chem_comp.id
_chem_comp.type
_chem_comp.name
_chem_comp.formula
ATP non-polymer ADENOSINE-5'-TRIPHOSPHATE 'C10 H16 N5 O13 P3'
ZN non-polymer 'ZINC ION' 'Zn 2'
#
# COMPACT_ATOMS: atom_id res chain seq x y z
N ARG A 2 10.34 -0.98 27.69
CA ARG A 2 9.47 -1.99 27.09
C ARG A 2 8.22 -1.33 26.51
N ASP A 3 8.14 -0.01 26.64
CA ASP A 3 7.03 0.75 26.08
C ASP A 3 7.26 0.97 24.59
N HIS A 4 6.26 0.61 23.78
CA HIS A 4 6.41 0.72 22.34
C HIS A 4 6.60 2.16 21.89
N ARG A 5 6.08 3.12 22.65
CA ARG A 5 6.34 4.52 22.33
C ARG A 5 7.81 4.86 22.53
N LYS A 6 8.42 4.33 23.60
CA LYS A 6 9.85 4.57 23.83
C LYS A 6 10.70 3.85 22.78
N ILE A 7 10.37 2.59 22.50
CA ILE A 7 11.13 1.84 21.50
C ILE A 7 10.94 2.45 20.11
N GLY A 8 9.73 2.95 19.83
CA GLY A 8 9.49 3.57 18.54
C GLY A 8 10.37 4.79 18.30
N LYS A 9 10.55 5.62 19.33
CA LYS A 9 11.45 6.76 19.19
C LYS A 9 12.90 6.30 19.09
N GLN A 10 13.27 5.25 19.85
CA GLN A 10 14.64 4.78 19.84
C GLN A 10 15.03 4.22 18.47
N LEU A 11 14.11 3.52 17.81
CA LEU A 11 14.36 2.95 16.50
C LEU A 11 13.94 3.85 15.36
N ASP A 12 13.48 5.07 15.66
CA ASP A 12 13.04 6.04 14.63
C ASP A 12 11.95 5.44 13.74
N LEU A 13 10.99 4.76 14.38
CA LEU A 13 9.93 4.10 13.63
C LEU A 13 8.83 5.08 13.21
N TYR A 14 8.46 6.00 14.09
CA TYR A 14 7.35 6.90 13.84
C TYR A 14 7.45 8.08 14.80
N HIS A 15 6.59 9.07 14.58
CA HIS A 15 6.42 10.15 15.54
C HIS A 15 4.99 10.68 15.44
N MET A 16 4.56 11.36 16.48
CA MET A 16 3.25 11.98 16.55
C MET A 16 3.39 13.40 17.08
N GLN A 17 2.49 14.28 16.65
CA GLN A 17 2.53 15.66 17.09
C GLN A 17 1.11 16.18 17.22
N GLU A 18 0.97 17.29 17.94
CA GLU A 18 -0.37 17.78 18.30
C GLU A 18 -1.07 18.51 17.17
N GLU A 19 -0.38 18.79 16.06
CA GLU A 19 -1.08 19.25 14.86
C GLU A 19 -1.92 18.15 14.24
N ALA A 20 -1.77 16.90 14.68
CA ALA A 20 -2.57 15.79 14.19
C ALA A 20 -2.68 14.74 15.29
N PRO A 21 -3.52 15.00 16.30
CA PRO A 21 -3.66 14.04 17.40
C PRO A 21 -4.16 12.69 16.90
N GLY A 22 -3.57 11.63 17.44
CA GLY A 22 -3.95 10.28 17.03
C GLY A 22 -3.63 9.93 15.60
N MET A 23 -2.76 10.70 14.95
CA MET A 23 -2.40 10.50 13.56
C MET A 23 -0.91 10.20 13.46
N VAL A 24 -0.57 9.12 12.76
CA VAL A 24 0.80 8.60 12.78
C VAL A 24 1.57 9.12 11.59
N PHE A 25 2.76 9.68 11.85
CA PHE A 25 3.75 9.95 10.82
C PHE A 25 4.69 8.76 10.75
N TRP A 26 4.53 7.93 9.73
CA TRP A 26 5.38 6.75 9.58
C TRP A 26 6.70 7.13 8.95
N HIS A 27 7.79 6.96 9.69
CA HIS A 27 9.12 7.19 9.16
C HIS A 27 9.53 6.00 8.27
N ASN A 28 10.70 6.11 7.64
CA ASN A 28 11.14 5.11 6.69
C ASN A 28 11.23 3.73 7.33
N ASP A 29 11.83 3.66 8.52
CA ASP A 29 12.04 2.35 9.15
C ASP A 29 10.72 1.76 9.65
N GLY A 30 9.85 2.58 10.25
CA GLY A 30 8.56 2.08 10.67
C GLY A 30 7.67 1.69 9.50
N TRP A 31 7.72 2.47 8.42
CA TRP A 31 6.94 2.12 7.23
C TRP A 31 7.43 0.84 6.59
N THR A 32 8.71 0.50 6.76
CA THR A 32 9.21 -0.78 6.28
C THR A 32 8.53 -1.94 6.98
N ILE A 33 8.38 -1.85 8.30
CA ILE A 33 7.67 -2.88 9.05
C ILE A 33 6.22 -2.95 8.60
N PHE A 34 5.58 -1.79 8.42
CA PHE A 34 4.22 -1.73 7.92
C PHE A 34 4.09 -2.46 6.59
N ARG A 35 5.01 -2.20 5.67
CA ARG A 35 4.92 -2.79 4.34
C ARG A 35 5.25 -4.27 4.35
N GLU A 36 6.15 -4.71 5.24
CA GLU A 36 6.44 -6.13 5.34
C GLU A 36 5.23 -6.91 5.85
N LEU A 37 4.49 -6.34 6.81
CA LEU A 37 3.25 -6.96 7.26
C LEU A 37 2.23 -7.04 6.12
N GLU A 38 2.19 -6.00 5.28
CA GLU A 38 1.29 -6.01 4.13
C GLU A 38 1.64 -7.15 3.18
N VAL A 39 2.94 -7.35 2.92
CA VAL A 39 3.36 -8.47 2.08
C VAL A 39 3.00 -9.79 2.73
N PHE A 40 3.21 -9.90 4.05
CA PHE A 40 2.85 -11.13 4.76
C PHE A 40 1.36 -11.42 4.67
N VAL A 41 0.52 -10.38 4.86
CA VAL A 41 -0.92 -10.57 4.77
C VAL A 41 -1.32 -10.95 3.35
N ARG A 42 -0.73 -10.28 2.35
CA ARG A 42 -1.08 -10.56 0.96
C ARG A 42 -0.73 -11.99 0.57
N SER A 43 0.37 -12.54 1.11
CA SER A 43 0.68 -13.94 0.87
C SER A 43 -0.41 -14.85 1.41
N LYS A 44 -1.06 -14.44 2.51
CA LYS A 44 -2.17 -15.22 3.05
C LYS A 44 -3.45 -14.99 2.26
N LEU A 45 -3.67 -13.77 1.76
CA LEU A 45 -4.83 -13.51 0.92
C LEU A 45 -4.78 -14.34 -0.35
N LYS A 46 -3.60 -14.47 -0.95
CA LYS A 46 -3.45 -15.34 -2.11
C LYS A 46 -3.72 -16.79 -1.77
N GLU A 47 -3.20 -17.25 -0.62
CA GLU A 47 -3.38 -18.64 -0.23
C GLU A 47 -4.85 -18.97 0.03
N TYR A 48 -5.56 -18.07 0.71
CA TYR A 48 -6.95 -18.29 1.07
C TYR A 48 -7.92 -17.75 0.03
N GLN A 49 -7.42 -17.32 -1.13
CA GLN A 49 -8.24 -16.89 -2.27
C GLN A 49 -9.15 -15.73 -1.90
N TYR A 50 -8.52 -14.60 -1.56
CA TYR A 50 -9.22 -13.35 -1.30
C TYR A 50 -9.02 -12.39 -2.47
N GLN A 51 -10.08 -11.67 -2.83
CA GLN A 51 -9.90 -10.47 -3.62
C GLN A 51 -9.32 -9.36 -2.74
N GLU A 52 -8.63 -8.42 -3.38
CA GLU A 52 -8.19 -7.21 -2.69
C GLU A 52 -8.69 -6.01 -3.49
N VAL A 53 -9.39 -5.10 -2.80
CA VAL A 53 -9.99 -3.93 -3.41
C VAL A 53 -9.57 -2.70 -2.63
N LYS A 54 -10.06 -1.54 -3.07
CA LYS A 54 -9.82 -0.29 -2.38
C LYS A 54 -11.05 0.59 -2.54
N GLY A 55 -11.69 0.91 -1.42
CA GLY A 55 -12.84 1.78 -1.43
C GLY A 55 -12.45 3.24 -1.29
N PRO A 56 -13.37 4.14 -1.64
CA PRO A 56 -13.08 5.57 -1.50
C PRO A 56 -13.01 5.96 -0.03
N PHE A 57 -12.42 7.12 0.23
CA PHE A 57 -12.27 7.51 1.63
C PHE A 57 -13.59 7.97 2.23
N MET A 58 -14.35 8.79 1.51
CA MET A 58 -15.58 9.36 2.05
C MET A 58 -16.74 9.05 1.12
N MET A 59 -17.91 8.91 1.71
CA MET A 59 -19.14 8.67 0.98
C MET A 59 -20.24 9.55 1.59
N ASP A 60 -21.35 9.64 0.88
CA ASP A 60 -22.42 10.53 1.31
C ASP A 60 -22.96 10.07 2.66
N ARG A 61 -23.39 11.04 3.48
CA ARG A 61 -23.97 10.73 4.77
C ARG A 61 -25.23 9.88 4.67
N VAL A 62 -25.97 10.01 3.57
CA VAL A 62 -27.23 9.27 3.42
C VAL A 62 -26.97 7.77 3.43
N LEU A 63 -25.83 7.34 2.88
CA LEU A 63 -25.50 5.91 2.90
C LEU A 63 -25.21 5.44 4.32
N TRP A 64 -24.48 6.24 5.10
CA TRP A 64 -24.19 5.86 6.48
C TRP A 64 -25.44 5.93 7.35
N GLU A 65 -26.40 6.78 6.99
CA GLU A 65 -27.70 6.75 7.65
C GLU A 65 -28.45 5.46 7.34
N LYS A 66 -28.34 4.98 6.10
CA LYS A 66 -29.05 3.78 5.69
C LYS A 66 -28.54 2.54 6.44
N THR A 67 -27.23 2.43 6.64
CA THR A 67 -26.68 1.28 7.32
C THR A 67 -27.06 1.23 8.80
N GLY A 68 -27.50 2.35 9.36
CA GLY A 68 -27.62 2.50 10.79
C GLY A 68 -26.36 2.99 11.46
N HIS A 69 -25.28 3.18 10.69
CA HIS A 69 -24.05 3.73 11.26
C HIS A 69 -24.29 5.13 11.83
N TRP A 70 -25.03 5.97 11.12
CA TRP A 70 -25.19 7.34 11.59
C TRP A 70 -25.82 7.38 12.97
N ASP A 71 -26.82 6.54 13.21
CA ASP A 71 -27.51 6.55 14.50
C ASP A 71 -26.68 5.90 15.61
N ASN A 72 -25.88 4.89 15.28
CA ASN A 72 -25.14 4.17 16.30
C ASN A 72 -23.66 4.52 16.33
N TYR A 73 -23.20 5.40 15.45
CA TYR A 73 -21.78 5.69 15.35
C TYR A 73 -21.48 7.16 15.08
N LYS A 74 -22.44 8.08 15.30
CA LYS A 74 -22.23 9.47 14.87
C LYS A 74 -21.04 10.11 15.61
N ASP A 75 -20.93 9.85 16.91
CA ASP A 75 -19.95 10.57 17.71
C ASP A 75 -18.52 10.30 17.27
N ALA A 76 -18.27 9.15 16.65
CA ALA A 76 -16.94 8.74 16.25
C ALA A 76 -16.61 9.06 14.81
N MET A 77 -17.47 9.78 14.09
CA MET A 77 -17.33 9.98 12.67
C MET A 77 -16.87 11.40 12.36
N PHE A 78 -15.86 11.51 11.50
CA PHE A 78 -15.49 12.80 10.92
C PHE A 78 -16.37 13.08 9.71
N THR A 79 -16.84 14.32 9.61
CA THR A 79 -17.69 14.73 8.50
C THR A 79 -17.09 15.93 7.79
N THR A 80 -17.32 15.99 6.48
CA THR A 80 -16.90 17.11 5.65
C THR A 80 -17.98 17.36 4.61
N SER A 81 -17.91 18.52 3.95
CA SER A 81 -18.97 18.95 3.05
C SER A 81 -18.37 19.47 1.74
N SER A 82 -19.18 19.40 0.69
CA SER A 82 -18.79 19.93 -0.62
C SER A 82 -20.06 20.09 -1.46
N GLU A 83 -20.30 21.29 -1.97
CA GLU A 83 -21.45 21.50 -2.85
C GLU A 83 -22.77 21.18 -2.16
N ASN A 84 -22.96 21.70 -0.97
CA ASN A 84 -24.20 21.51 -0.21
C ASN A 84 -24.50 20.04 0.10
N ARG A 85 -23.47 19.19 0.10
CA ARG A 85 -23.62 17.79 0.43
C ARG A 85 -22.58 17.39 1.46
N GLU A 86 -23.01 16.64 2.47
CA GLU A 86 -22.15 16.25 3.59
C GLU A 86 -21.68 14.81 3.43
N TYR A 87 -20.40 14.60 3.73
CA TYR A 87 -19.77 13.30 3.55
C TYR A 87 -19.16 12.85 4.88
N CYS A 88 -19.03 11.54 5.03
CA CYS A 88 -18.42 10.93 6.20
C CYS A 88 -17.12 10.25 5.80
N ILE A 89 -16.04 10.60 6.48
CA ILE A 89 -14.80 9.84 6.36
C ILE A 89 -15.03 8.45 6.96
N LYS A 90 -14.74 7.42 6.18
CA LYS A 90 -15.21 6.08 6.53
C LYS A 90 -14.56 5.60 7.83
N PRO A 91 -15.34 5.25 8.85
CA PRO A 91 -14.79 4.55 10.01
C PRO A 91 -14.76 3.04 9.83
N MET A 92 -15.32 2.54 8.73
CA MET A 92 -15.44 1.12 8.47
C MET A 92 -15.41 0.92 6.96
N ASN A 93 -15.04 -0.29 6.54
CA ASN A 93 -14.94 -0.60 5.11
C ASN A 93 -16.11 -1.43 4.60
N CYS A 94 -17.03 -1.84 5.47
CA CYS A 94 -18.12 -2.70 5.03
C CYS A 94 -19.04 -2.05 3.99
N PRO A 95 -19.55 -0.83 4.20
CA PRO A 95 -20.42 -0.24 3.17
C PRO A 95 -19.74 -0.09 1.82
N GLY A 96 -18.45 0.25 1.80
CA GLY A 96 -17.74 0.35 0.54
C GLY A 96 -17.64 -0.97 -0.18
N HIS A 97 -17.40 -2.05 0.57
CA HIS A 97 -17.30 -3.37 -0.03
C HIS A 97 -18.66 -3.84 -0.55
N VAL A 98 -19.74 -3.48 0.14
CA VAL A 98 -21.08 -3.83 -0.34
C VAL A 98 -21.38 -3.08 -1.64
N GLN A 99 -20.92 -1.83 -1.75
CA GLN A 99 -21.10 -1.08 -2.98
C GLN A 99 -20.42 -1.77 -4.15
N ILE A 100 -19.21 -2.29 -3.93
CA ILE A 100 -18.51 -3.03 -4.98
C ILE A 100 -19.26 -4.31 -5.31
N PHE A 101 -19.78 -5.00 -4.31
CA PHE A 101 -20.56 -6.22 -4.55
C PHE A 101 -21.79 -5.94 -5.39
N ASN A 102 -22.41 -4.77 -5.18
CA ASN A 102 -23.66 -4.44 -5.88
C ASN A 102 -23.45 -4.11 -7.35
N GLN A 103 -22.21 -3.98 -7.81
CA GLN A 103 -21.94 -3.74 -9.22
C GLN A 103 -22.03 -5.04 -10.00
N GLY A 104 -22.98 -5.13 -10.92
CA GLY A 104 -23.17 -6.33 -11.70
C GLY A 104 -24.01 -7.38 -11.00
N LEU A 105 -24.71 -8.19 -11.78
CA LEU A 105 -25.54 -9.24 -11.20
C LEU A 105 -24.68 -10.35 -10.62
N LYS A 106 -24.99 -10.75 -9.40
CA LYS A 106 -24.29 -11.82 -8.71
C LYS A 106 -25.19 -13.04 -8.64
N SER A 107 -24.58 -14.21 -8.83
CA SER A 107 -25.26 -15.49 -8.72
C SER A 107 -24.63 -16.29 -7.59
N TYR A 108 -25.25 -17.42 -7.26
CA TYR A 108 -24.71 -18.28 -6.22
C TYR A 108 -23.37 -18.90 -6.61
N ARG A 109 -23.06 -18.92 -7.91
CA ARG A 109 -21.76 -19.43 -8.35
C ARG A 109 -20.63 -18.48 -7.96
N ASP A 110 -20.95 -17.22 -7.68
CA ASP A 110 -19.96 -16.23 -7.25
C ASP A 110 -19.65 -16.32 -5.77
N LEU A 111 -20.42 -17.11 -5.00
CA LEU A 111 -20.23 -17.21 -3.57
C LEU A 111 -19.51 -18.51 -3.20
N PRO A 112 -18.65 -18.47 -2.17
CA PRO A 112 -18.33 -17.31 -1.33
C PRO A 112 -17.43 -16.31 -2.03
N LEU A 113 -17.70 -15.02 -1.84
CA LEU A 113 -16.88 -13.94 -2.41
C LEU A 113 -16.12 -13.29 -1.27
N ARG A 114 -14.81 -13.49 -1.24
CA ARG A 114 -13.95 -12.99 -0.18
C ARG A 114 -13.24 -11.74 -0.68
N MET A 115 -13.56 -10.60 -0.08
CA MET A 115 -13.11 -9.28 -0.56
C MET A 115 -12.36 -8.59 0.58
N ALA A 116 -11.06 -8.44 0.41
CA ALA A 116 -10.19 -7.88 1.43
C ALA A 116 -9.74 -6.47 1.04
N GLU A 117 -9.32 -5.71 2.04
CA GLU A 117 -8.82 -4.36 1.83
C GLU A 117 -7.94 -3.96 3.01
N PHE A 118 -6.83 -3.29 2.71
CA PHE A 118 -6.08 -2.54 3.72
C PHE A 118 -6.72 -1.16 3.81
N GLY A 119 -7.83 -1.11 4.53
CA GLY A 119 -8.71 0.05 4.50
C GLY A 119 -8.37 1.04 5.60
N SER A 120 -8.26 2.31 5.21
CA SER A 120 -8.01 3.37 6.16
C SER A 120 -9.33 3.74 6.85
N CYS A 121 -9.34 3.66 8.18
CA CYS A 121 -10.48 4.04 8.97
C CYS A 121 -10.13 5.25 9.82
N HIS A 122 -11.05 6.20 9.92
CA HIS A 122 -10.88 7.37 10.77
C HIS A 122 -12.04 7.46 11.74
N ARG A 123 -11.72 7.40 13.03
CA ARG A 123 -12.72 7.43 14.10
C ARG A 123 -12.32 8.51 15.08
N ASN A 124 -13.28 9.38 15.44
CA ASN A 124 -13.02 10.50 16.34
C ASN A 124 -13.02 10.00 17.79
N GLU A 125 -12.01 9.20 18.10
CA GLU A 125 -11.87 8.68 19.45
C GLU A 125 -11.58 9.84 20.42
N PRO A 126 -12.13 9.80 21.62
CA PRO A 126 -11.82 10.83 22.62
C PRO A 126 -10.32 10.95 22.82
N SER A 127 -9.83 12.19 22.88
CA SER A 127 -8.39 12.43 22.91
C SER A 127 -7.76 11.90 24.18
N GLY A 128 -8.53 11.78 25.26
CA GLY A 128 -7.99 11.23 26.50
C GLY A 128 -7.75 9.74 26.45
N SER A 129 -8.37 9.04 25.49
CA SER A 129 -8.20 7.60 25.35
C SER A 129 -7.11 7.21 24.37
N LEU A 130 -6.49 8.17 23.69
CA LEU A 130 -5.44 7.86 22.73
C LEU A 130 -4.19 7.36 23.45
N HIS A 131 -3.53 6.37 22.87
CA HIS A 131 -2.36 5.75 23.49
C HIS A 131 -1.45 5.22 22.39
N GLY A 132 -0.43 6.00 22.06
CA GLY A 132 0.62 5.52 21.15
C GLY A 132 0.06 5.05 19.83
N LEU A 133 0.52 3.87 19.40
CA LEU A 133 0.01 3.24 18.19
C LEU A 133 -1.23 2.38 18.44
N MET A 134 -1.50 2.02 19.69
CA MET A 134 -2.54 1.04 19.98
C MET A 134 -3.94 1.64 19.90
N ARG A 135 -4.12 2.90 20.28
CA ARG A 135 -5.38 3.60 20.09
C ARG A 135 -5.10 4.91 19.37
N VAL A 136 -5.48 4.97 18.10
CA VAL A 136 -5.25 6.14 17.25
C VAL A 136 -6.57 6.55 16.62
N ARG A 137 -6.55 7.68 15.92
CA ARG A 137 -7.73 8.18 15.22
C ARG A 137 -7.74 7.79 13.75
N GLY A 138 -6.58 7.57 13.14
CA GLY A 138 -6.50 7.06 11.79
C GLY A 138 -5.67 5.80 11.71
N PHE A 139 -6.26 4.70 11.25
CA PHE A 139 -5.60 3.41 11.25
C PHE A 139 -6.00 2.62 10.02
N THR A 140 -5.21 1.59 9.72
CA THR A 140 -5.42 0.73 8.56
C THR A 140 -5.72 -0.67 9.05
N GLN A 141 -6.91 -1.17 8.74
CA GLN A 141 -7.31 -2.52 9.09
C GLN A 141 -6.96 -3.49 7.97
N ASP A 142 -6.51 -4.70 8.34
CA ASP A 142 -6.43 -5.79 7.38
C ASP A 142 -7.81 -6.42 7.22
N ASP A 143 -8.73 -5.58 6.75
CA ASP A 143 -10.14 -5.89 6.71
C ASP A 143 -10.49 -6.78 5.52
N ALA A 144 -11.59 -7.52 5.67
CA ALA A 144 -12.15 -8.31 4.59
C ALA A 144 -13.61 -8.58 4.91
N HIS A 145 -14.40 -8.78 3.85
CA HIS A 145 -15.82 -9.11 3.99
C HIS A 145 -16.14 -10.27 3.06
N ILE A 146 -16.77 -11.30 3.62
CA ILE A 146 -17.08 -12.52 2.89
C ILE A 146 -18.59 -12.57 2.67
N PHE A 147 -19.00 -12.56 1.39
CA PHE A 147 -20.40 -12.68 1.02
C PHE A 147 -20.67 -14.14 0.68
N CYS A 148 -21.64 -14.75 1.34
CA CYS A 148 -21.88 -16.18 1.20
C CYS A 148 -23.33 -16.50 1.53
N THR A 149 -23.69 -17.75 1.29
CA THR A 149 -25.01 -18.26 1.66
C THR A 149 -25.01 -18.69 3.12
N GLU A 150 -26.22 -18.96 3.63
CA GLU A 150 -26.34 -19.43 5.01
C GLU A 150 -25.67 -20.79 5.18
N GLU A 151 -25.75 -21.64 4.16
CA GLU A 151 -25.13 -22.96 4.20
C GLU A 151 -23.61 -22.88 4.27
N GLN A 152 -23.01 -21.80 3.78
CA GLN A 152 -21.57 -21.64 3.75
C GLN A 152 -21.00 -20.97 4.99
N ILE A 153 -21.85 -20.65 5.98
CA ILE A 153 -21.39 -19.87 7.12
C ILE A 153 -20.37 -20.65 7.94
N ARG A 154 -20.64 -21.92 8.20
CA ARG A 154 -19.75 -22.73 9.03
C ARG A 154 -18.36 -22.82 8.40
N ASP A 155 -18.31 -23.09 7.09
CA ASP A 155 -17.02 -23.24 6.43
C ASP A 155 -16.25 -21.93 6.39
N GLU A 156 -16.94 -20.82 6.11
CA GLU A 156 -16.25 -19.54 5.98
C GLU A 156 -15.77 -19.02 7.34
N VAL A 157 -16.61 -19.16 8.37
CA VAL A 157 -16.19 -18.75 9.71
C VAL A 157 -15.03 -19.61 10.20
N ASN A 158 -15.07 -20.91 9.91
CA ASN A 158 -13.95 -21.79 10.25
C ASN A 158 -12.68 -21.35 9.52
N GLY A 159 -12.81 -20.92 8.27
CA GLY A 159 -11.65 -20.43 7.54
C GLY A 159 -11.05 -19.20 8.15
N CYS A 160 -11.89 -18.31 8.68
CA CYS A 160 -11.38 -17.11 9.36
C CYS A 160 -10.64 -17.47 10.64
N ILE A 161 -11.20 -18.40 11.43
CA ILE A 161 -10.54 -18.83 12.65
C ILE A 161 -9.21 -19.49 12.34
N ARG A 162 -9.18 -20.33 11.30
CA ARG A 162 -7.94 -20.98 10.90
C ARG A 162 -6.90 -19.95 10.47
N LEU A 163 -7.33 -18.91 9.75
CA LEU A 163 -6.39 -17.87 9.31
C LEU A 163 -5.82 -17.10 10.49
N VAL A 164 -6.61 -16.89 11.54
CA VAL A 164 -6.14 -16.13 12.69
C VAL A 164 -4.97 -16.85 13.36
N TYR A 165 -5.15 -18.14 13.66
CA TYR A 165 -4.09 -18.89 14.32
C TYR A 165 -2.94 -19.19 13.38
N ASP A 166 -3.21 -19.27 12.07
CA ASP A 166 -2.14 -19.46 11.10
C ASP A 166 -1.18 -18.27 11.12
N MET A 167 -1.73 -17.06 11.05
CA MET A 167 -0.88 -15.88 10.95
C MET A 167 -0.32 -15.46 12.31
N TYR A 168 -1.03 -15.75 13.40
CA TYR A 168 -0.51 -15.46 14.73
C TYR A 168 0.66 -16.37 15.09
N SER A 169 0.66 -17.60 14.59
CA SER A 169 1.75 -18.53 14.88
C SER A 169 3.07 -18.06 14.29
N THR A 170 3.04 -17.24 13.23
CA THR A 170 4.28 -16.70 12.67
C THR A 170 5.02 -15.85 13.69
N PHE A 171 4.30 -15.15 14.55
CA PHE A 171 4.89 -14.30 15.57
C PHE A 171 5.08 -15.00 16.90
N GLY A 172 4.70 -16.27 17.00
CA GLY A 172 4.93 -17.03 18.22
C GLY A 172 4.16 -16.56 19.42
N PHE A 173 2.94 -16.05 19.23
CA PHE A 173 2.14 -15.58 20.36
C PHE A 173 1.72 -16.75 21.24
N GLU A 174 2.00 -16.64 22.53
CA GLU A 174 1.63 -17.67 23.50
C GLU A 174 0.30 -17.39 24.19
N LYS A 175 -0.10 -16.13 24.28
CA LYS A 175 -1.31 -15.72 25.00
C LYS A 175 -2.29 -15.14 23.98
N ILE A 176 -3.26 -15.94 23.56
CA ILE A 176 -4.33 -15.52 22.66
C ILE A 176 -5.64 -15.84 23.35
N VAL A 177 -6.31 -14.81 23.87
CA VAL A 177 -7.55 -14.96 24.62
C VAL A 177 -8.71 -14.69 23.68
N VAL A 178 -9.67 -15.62 23.64
CA VAL A 178 -10.79 -15.57 22.71
C VAL A 178 -12.04 -15.21 23.48
N LYS A 179 -12.81 -14.26 22.95
CA LYS A 179 -14.05 -13.81 23.56
C LYS A 179 -15.15 -13.77 22.52
N LEU A 180 -16.38 -14.02 22.96
CA LEU A 180 -17.56 -13.88 22.11
C LEU A 180 -18.36 -12.69 22.63
N SER A 181 -18.37 -11.61 21.86
CA SER A 181 -19.07 -10.39 22.24
C SER A 181 -20.52 -10.48 21.77
N THR A 182 -21.45 -10.35 22.70
CA THR A 182 -22.87 -10.53 22.41
C THR A 182 -23.51 -9.18 22.09
N ARG A 183 -24.83 -9.17 21.96
CA ARG A 183 -25.53 -8.01 21.42
C ARG A 183 -25.39 -6.80 22.33
N PRO A 184 -25.16 -5.61 21.77
CA PRO A 184 -25.13 -4.40 22.58
C PRO A 184 -26.53 -3.86 22.83
N GLU A 185 -26.61 -2.85 23.69
CA GLU A 185 -27.90 -2.24 23.98
C GLU A 185 -28.49 -1.56 22.75
N LYS A 186 -27.67 -0.82 22.01
CA LYS A 186 -28.10 -0.17 20.79
C LYS A 186 -27.75 -1.07 19.62
N ARG A 187 -28.75 -1.64 18.96
CA ARG A 187 -28.51 -2.59 17.89
C ARG A 187 -29.66 -2.57 16.90
N ILE A 188 -29.37 -3.09 15.71
CA ILE A 188 -30.38 -3.33 14.69
C ILE A 188 -30.48 -4.84 14.47
N GLY A 189 -31.59 -5.25 13.89
CA GLY A 189 -31.84 -6.66 13.69
C GLY A 189 -32.69 -7.25 14.80
N SER A 190 -33.43 -8.31 14.47
CA SER A 190 -34.34 -8.92 15.40
C SER A 190 -33.59 -9.79 16.41
N ASP A 191 -34.29 -10.10 17.51
CA ASP A 191 -33.70 -10.98 18.53
C ASP A 191 -33.45 -12.37 17.97
N GLU A 192 -34.33 -12.86 17.09
CA GLU A 192 -34.12 -14.15 16.48
C GLU A 192 -32.85 -14.18 15.63
N MET A 193 -32.60 -13.10 14.88
CA MET A 193 -31.38 -13.03 14.09
C MET A 193 -30.15 -13.04 14.98
N TRP A 194 -30.19 -12.28 16.09
CA TRP A 194 -29.05 -12.24 17.00
C TRP A 194 -28.81 -13.59 17.65
N ASP A 195 -29.88 -14.29 18.01
CA ASP A 195 -29.72 -15.63 18.59
C ASP A 195 -29.05 -16.57 17.60
N ARG A 196 -29.47 -16.53 16.34
CA ARG A 196 -28.84 -17.38 15.32
C ARG A 196 -27.39 -16.98 15.08
N ALA A 197 -27.12 -15.67 15.02
CA ALA A 197 -25.75 -15.22 14.76
C ALA A 197 -24.83 -15.56 15.92
N GLU A 198 -25.29 -15.33 17.16
CA GLU A 198 -24.45 -15.64 18.32
C GLU A 198 -24.22 -17.14 18.47
N ALA A 199 -25.25 -17.95 18.21
CA ALA A 199 -25.10 -19.39 18.29
C ALA A 199 -24.13 -19.91 17.23
N ASP A 200 -24.18 -19.32 16.02
CA ASP A 200 -23.29 -19.77 14.95
C ASP A 200 -21.83 -19.57 15.31
N LEU A 201 -21.49 -18.41 15.88
CA LEU A 201 -20.11 -18.15 16.27
C LEU A 201 -19.67 -19.06 17.41
N ALA A 202 -20.55 -19.31 18.38
CA ALA A 202 -20.21 -20.20 19.48
C ALA A 202 -19.97 -21.62 18.99
N VAL A 203 -20.82 -22.09 18.06
CA VAL A 203 -20.66 -23.45 17.53
C VAL A 203 -19.35 -23.56 16.77
N ALA A 204 -19.01 -22.53 15.98
CA ALA A 204 -17.76 -22.55 15.24
C ALA A 204 -16.55 -22.63 16.17
N LEU A 205 -16.58 -21.86 17.27
CA LEU A 205 -15.49 -21.94 18.24
C LEU A 205 -15.46 -23.30 18.93
N GLU A 206 -16.63 -23.82 19.31
CA GLU A 206 -16.69 -25.13 19.94
C GLU A 206 -16.18 -26.22 19.00
N GLU A 207 -16.52 -26.09 17.72
CA GLU A 207 -16.11 -27.08 16.72
C GLU A 207 -14.60 -27.11 16.55
N ASN A 208 -13.95 -25.96 16.65
CA ASN A 208 -12.51 -25.87 16.56
C ASN A 208 -11.82 -26.12 17.90
N ASN A 209 -12.59 -26.49 18.93
CA ASN A 209 -12.07 -26.80 20.26
C ASN A 209 -11.28 -25.61 20.82
N ILE A 210 -11.89 -24.44 20.72
CA ILE A 210 -11.28 -23.18 21.17
C ILE A 210 -12.02 -22.73 22.42
N PRO A 211 -11.37 -22.73 23.59
CA PRO A 211 -12.04 -22.19 24.78
C PRO A 211 -12.23 -20.68 24.66
N PHE A 212 -13.37 -20.20 25.18
CA PHE A 212 -13.68 -18.78 25.09
C PHE A 212 -14.65 -18.41 26.20
N GLU A 213 -14.75 -17.12 26.45
CA GLU A 213 -15.72 -16.54 27.36
C GLU A 213 -16.61 -15.56 26.63
N TYR A 214 -17.79 -15.32 27.17
CA TYR A 214 -18.68 -14.30 26.63
C TYR A 214 -18.27 -12.92 27.13
N GLN A 215 -18.43 -11.92 26.27
CA GLN A 215 -18.22 -10.52 26.62
C GLN A 215 -19.54 -9.81 26.33
N LEU A 216 -20.37 -9.69 27.36
CA LEU A 216 -21.74 -9.22 27.18
C LEU A 216 -21.78 -7.78 26.69
N GLY A 217 -22.55 -7.54 25.63
CA GLY A 217 -22.83 -6.19 25.18
C GLY A 217 -21.72 -5.52 24.39
N GLU A 218 -20.68 -6.25 23.99
CA GLU A 218 -19.55 -5.67 23.28
C GLU A 218 -19.61 -5.92 21.77
N GLY A 219 -20.67 -6.52 21.26
CA GLY A 219 -20.79 -6.76 19.84
C GLY A 219 -21.08 -5.48 19.07
N ALA A 220 -20.92 -5.59 17.75
CA ALA A 220 -21.25 -4.47 16.88
C ALA A 220 -22.77 -4.25 16.88
N PHE A 221 -23.17 -3.06 16.45
CA PHE A 221 -24.60 -2.75 16.41
C PHE A 221 -25.33 -3.58 15.36
N TYR A 222 -24.61 -4.28 14.49
CA TYR A 222 -25.20 -5.09 13.43
C TYR A 222 -24.95 -6.58 13.59
N ALA A 223 -23.98 -6.97 14.41
CA ALA A 223 -23.54 -8.36 14.44
C ALA A 223 -22.75 -8.61 15.71
N PRO A 224 -22.75 -9.83 16.22
CA PRO A 224 -21.86 -10.19 17.32
C PRO A 224 -20.44 -10.43 16.82
N LYS A 225 -19.51 -10.49 17.78
CA LYS A 225 -18.09 -10.60 17.47
C LYS A 225 -17.44 -11.74 18.21
N ILE A 226 -16.54 -12.44 17.52
CA ILE A 226 -15.50 -13.22 18.19
C ILE A 226 -14.26 -12.34 18.25
N GLU A 227 -13.72 -12.16 19.45
CA GLU A 227 -12.58 -11.27 19.66
C GLU A 227 -11.35 -12.09 20.04
N PHE A 228 -10.25 -11.87 19.33
CA PHE A 228 -8.96 -12.43 19.66
C PHE A 228 -8.13 -11.35 20.33
N THR A 229 -7.79 -11.57 21.60
CA THR A 229 -7.19 -10.53 22.43
C THR A 229 -5.71 -10.82 22.63
N LEU A 230 -4.88 -9.80 22.38
CA LEU A 230 -3.46 -9.84 22.66
C LEU A 230 -3.12 -8.83 23.75
N TYR A 231 -1.97 -9.03 24.38
CA TYR A 231 -1.62 -8.31 25.61
C TYR A 231 -0.31 -7.57 25.44
N ASP A 232 -0.24 -6.38 26.05
CA ASP A 232 0.91 -5.51 25.93
C ASP A 232 1.90 -5.78 27.07
N CYS A 233 2.88 -4.88 27.24
CA CYS A 233 3.89 -5.07 28.27
C CYS A 233 3.28 -5.04 29.67
N LEU A 234 2.26 -4.21 29.89
CA LEU A 234 1.58 -4.14 31.18
C LEU A 234 0.45 -5.16 31.30
N ASP A 235 0.40 -6.14 30.39
CA ASP A 235 -0.62 -7.20 30.39
C ASP A 235 -2.03 -6.63 30.26
N ARG A 236 -2.17 -5.49 29.59
CA ARG A 236 -3.48 -4.94 29.29
C ARG A 236 -4.03 -5.60 28.03
N ALA A 237 -5.34 -5.85 28.02
CA ALA A 237 -5.98 -6.56 26.93
C ALA A 237 -6.26 -5.60 25.77
N TRP A 238 -5.83 -5.97 24.57
CA TRP A 238 -6.08 -5.19 23.37
C TRP A 238 -6.75 -6.08 22.34
N GLN A 239 -7.91 -5.64 21.85
CA GLN A 239 -8.61 -6.37 20.81
C GLN A 239 -7.88 -6.22 19.48
N CYS A 240 -7.39 -7.33 18.93
CA CYS A 240 -6.79 -7.32 17.61
C CYS A 240 -7.60 -8.13 16.61
N GLY A 241 -7.78 -9.43 16.85
CA GLY A 241 -8.52 -10.25 15.91
C GLY A 241 -10.03 -10.14 16.14
N THR A 242 -10.77 -10.17 15.04
CA THR A 242 -12.22 -10.10 15.13
C THR A 242 -12.83 -10.74 13.89
N VAL A 243 -13.88 -11.52 14.09
CA VAL A 243 -14.69 -12.06 13.01
C VAL A 243 -16.16 -11.84 13.36
N GLN A 244 -16.91 -11.27 12.44
CA GLN A 244 -18.27 -10.79 12.68
C GLN A 244 -19.23 -11.47 11.74
N LEU A 245 -20.36 -11.92 12.27
CA LEU A 245 -21.39 -12.62 11.48
C LEU A 245 -22.61 -11.71 11.36
N ASP A 246 -22.86 -11.23 10.14
CA ASP A 246 -23.74 -10.09 9.90
C ASP A 246 -24.92 -10.53 9.05
N PHE A 247 -26.13 -10.41 9.59
CA PHE A 247 -27.37 -10.72 8.88
C PHE A 247 -28.16 -9.48 8.50
N SER A 248 -27.62 -8.28 8.74
CA SER A 248 -28.42 -7.07 8.66
C SER A 248 -27.94 -6.07 7.62
N LEU A 249 -26.64 -5.77 7.58
CA LEU A 249 -26.14 -4.74 6.67
C LEU A 249 -26.38 -5.02 5.19
N PRO A 250 -26.17 -6.24 4.66
CA PRO A 250 -26.48 -6.45 3.24
C PRO A 250 -27.92 -6.12 2.86
N SER A 251 -28.88 -6.43 3.75
CA SER A 251 -30.26 -6.07 3.48
C SER A 251 -30.45 -4.56 3.47
N ARG A 252 -29.79 -3.86 4.40
CA ARG A 252 -29.90 -2.40 4.45
C ARG A 252 -29.35 -1.75 3.20
N LEU A 253 -28.36 -2.37 2.56
CA LEU A 253 -27.70 -1.81 1.38
C LEU A 253 -28.13 -2.49 0.09
N SER A 254 -29.25 -3.24 0.12
CA SER A 254 -29.86 -3.82 -1.08
C SER A 254 -28.91 -4.75 -1.81
N ALA A 255 -28.11 -5.50 -1.05
CA ALA A 255 -27.27 -6.53 -1.63
C ALA A 255 -28.08 -7.79 -1.86
N SER A 256 -27.90 -8.42 -3.03
CA SER A 256 -28.67 -9.60 -3.37
C SER A 256 -27.92 -10.42 -4.41
N TYR A 257 -28.33 -11.69 -4.54
CA TYR A 257 -27.78 -12.58 -5.55
C TYR A 257 -28.88 -13.54 -5.98
N VAL A 258 -28.71 -14.10 -7.18
CA VAL A 258 -29.66 -15.05 -7.75
C VAL A 258 -29.29 -16.45 -7.29
N GLY A 259 -30.21 -17.11 -6.58
CA GLY A 259 -29.95 -18.42 -6.03
C GLY A 259 -30.16 -19.54 -7.02
N GLU A 260 -29.99 -20.77 -6.53
CA GLU A 260 -30.24 -21.95 -7.37
C GLU A 260 -31.67 -21.96 -7.87
N ASP A 261 -32.61 -21.53 -7.03
CA ASP A 261 -34.03 -21.51 -7.36
C ASP A 261 -34.41 -20.36 -8.29
N ASN A 262 -33.44 -19.55 -8.72
CA ASN A 262 -33.66 -18.34 -9.51
C ASN A 262 -34.45 -17.29 -8.74
N GLU A 263 -34.50 -17.41 -7.41
CA GLU A 263 -35.11 -16.41 -6.56
C GLU A 263 -34.04 -15.48 -6.00
N ARG A 264 -34.39 -14.21 -5.88
CA ARG A 264 -33.47 -13.23 -5.30
C ARG A 264 -33.25 -13.55 -3.81
N LYS A 265 -31.99 -13.55 -3.40
CA LYS A 265 -31.62 -13.85 -2.02
C LYS A 265 -30.60 -12.84 -1.52
N VAL A 266 -30.66 -12.56 -0.23
CA VAL A 266 -29.74 -11.62 0.42
C VAL A 266 -28.54 -12.40 0.95
N PRO A 267 -27.31 -12.04 0.56
CA PRO A 267 -26.15 -12.78 1.05
C PRO A 267 -25.87 -12.52 2.52
N VAL A 268 -25.29 -13.51 3.17
CA VAL A 268 -24.73 -13.33 4.51
C VAL A 268 -23.35 -12.69 4.38
N MET A 269 -23.04 -11.77 5.28
CA MET A 269 -21.75 -11.09 5.27
C MET A 269 -20.97 -11.44 6.53
N ILE A 270 -19.71 -11.80 6.36
CA ILE A 270 -18.79 -12.05 7.47
C ILE A 270 -17.72 -10.98 7.43
N HIS A 271 -17.62 -10.21 8.51
CA HIS A 271 -16.55 -9.22 8.67
C HIS A 271 -15.42 -9.87 9.46
N ARG A 272 -14.18 -9.64 9.03
CA ARG A 272 -13.05 -10.13 9.80
C ARG A 272 -11.83 -9.26 9.54
N ALA A 273 -11.08 -9.01 10.62
CA ALA A 273 -9.74 -8.46 10.56
C ALA A 273 -8.86 -9.33 11.42
N ILE A 274 -7.76 -9.82 10.85
CA ILE A 274 -6.95 -10.82 11.54
C ILE A 274 -5.93 -10.12 12.42
N LEU A 275 -5.10 -9.26 11.82
CA LEU A 275 -4.22 -8.41 12.63
C LEU A 275 -5.00 -7.38 13.43
N GLY A 276 -6.18 -7.00 12.95
CA GLY A 276 -6.91 -5.89 13.52
C GLY A 276 -6.60 -4.61 12.76
N SER A 277 -5.68 -3.82 13.30
CA SER A 277 -5.12 -2.68 12.59
C SER A 277 -3.60 -2.83 12.57
N MET A 278 -2.99 -2.32 11.50
CA MET A 278 -1.53 -2.38 11.41
C MET A 278 -0.89 -1.58 12.52
N GLU A 279 -1.49 -0.44 12.89
CA GLU A 279 -0.93 0.41 13.92
C GLU A 279 -0.92 -0.29 15.28
N ARG A 280 -2.04 -0.87 15.67
CA ARG A 280 -2.11 -1.55 16.97
C ARG A 280 -1.25 -2.81 16.97
N PHE A 281 -1.24 -3.56 15.88
CA PHE A 281 -0.46 -4.80 15.83
C PHE A 281 1.04 -4.51 15.88
N ILE A 282 1.49 -3.45 15.20
CA ILE A 282 2.90 -3.08 15.27
C ILE A 282 3.28 -2.69 16.69
N GLY A 283 2.39 -1.96 17.39
CA GLY A 283 2.64 -1.65 18.79
C GLY A 283 2.73 -2.90 19.65
N ILE A 284 1.85 -3.87 19.42
CA ILE A 284 1.92 -5.13 20.15
C ILE A 284 3.21 -5.87 19.82
N LEU A 285 3.57 -5.91 18.54
CA LEU A 285 4.82 -6.57 18.14
C LEU A 285 6.03 -5.89 18.75
N THR A 286 6.01 -4.55 18.83
CA THR A 286 7.15 -3.82 19.39
C THR A 286 7.36 -4.18 20.85
N GLU A 287 6.28 -4.27 21.63
CA GLU A 287 6.41 -4.60 23.04
C GLU A 287 6.64 -6.10 23.25
N GLU A 288 6.05 -6.95 22.41
CA GLU A 288 6.25 -8.39 22.54
C GLU A 288 7.71 -8.76 22.32
N PHE A 289 8.34 -8.18 21.31
CA PHE A 289 9.74 -8.46 20.99
C PHE A 289 10.71 -7.49 21.64
N ALA A 290 10.22 -6.49 22.36
CA ALA A 290 11.07 -5.48 22.99
C ALA A 290 11.99 -4.81 21.98
N GLY A 291 11.47 -4.61 20.77
CA GLY A 291 12.25 -4.04 19.68
C GLY A 291 13.08 -5.03 18.91
N PHE A 292 13.25 -6.25 19.41
CA PHE A 292 14.01 -7.29 18.71
C PHE A 292 13.12 -7.93 17.65
N PHE A 293 12.84 -7.16 16.61
CA PHE A 293 11.97 -7.63 15.55
C PHE A 293 12.61 -8.83 14.85
N PRO A 294 11.82 -9.81 14.43
CA PRO A 294 12.38 -10.90 13.61
C PRO A 294 12.99 -10.34 12.34
N THR A 295 14.00 -11.04 11.84
CA THR A 295 14.82 -10.52 10.74
C THR A 295 13.97 -10.09 9.55
N TRP A 296 12.95 -10.86 9.21
CA TRP A 296 12.09 -10.50 8.09
C TRP A 296 11.32 -9.22 8.34
N LEU A 297 11.17 -8.80 9.60
CA LEU A 297 10.49 -7.56 9.95
C LEU A 297 11.44 -6.42 10.28
N ALA A 298 12.73 -6.70 10.48
CA ALA A 298 13.66 -5.68 10.94
C ALA A 298 13.83 -4.58 9.89
N PRO A 299 13.70 -3.31 10.27
CA PRO A 299 13.90 -2.23 9.28
C PRO A 299 15.26 -2.27 8.62
N VAL A 300 16.31 -2.56 9.37
CA VAL A 300 17.66 -2.75 8.84
C VAL A 300 18.13 -4.12 9.31
N GLN A 301 18.32 -5.04 8.37
CA GLN A 301 18.64 -6.41 8.75
C GLN A 301 20.13 -6.62 8.98
N VAL A 302 20.98 -5.92 8.23
CA VAL A 302 22.42 -6.09 8.32
C VAL A 302 23.08 -4.72 8.29
N VAL A 303 24.10 -4.54 9.13
CA VAL A 303 24.98 -3.38 9.07
C VAL A 303 26.40 -3.89 8.85
N ILE A 304 27.05 -3.40 7.80
CA ILE A 304 28.43 -3.76 7.49
C ILE A 304 29.31 -2.56 7.80
N MET A 305 30.44 -2.82 8.45
CA MET A 305 31.22 -1.75 9.06
C MET A 305 32.69 -2.13 9.11
N ASN A 306 33.54 -1.15 8.86
CA ASN A 306 34.98 -1.33 8.74
C ASN A 306 35.69 -0.99 10.05
N ILE A 307 36.95 -1.42 10.14
CA ILE A 307 37.83 -1.00 11.22
C ILE A 307 38.49 0.34 10.89
N THR A 308 39.09 0.42 9.70
CA THR A 308 39.72 1.65 9.20
C THR A 308 39.30 1.83 7.74
N ASP A 309 39.96 2.76 7.06
CA ASP A 309 39.76 2.95 5.62
C ASP A 309 40.23 1.73 4.84
N SER A 310 41.21 0.98 5.39
CA SER A 310 41.82 -0.14 4.68
C SER A 310 40.76 -1.13 4.21
N GLN A 311 39.64 -1.22 4.94
CA GLN A 311 38.54 -2.12 4.59
C GLN A 311 37.32 -1.38 4.07
N SER A 312 37.43 -0.06 3.85
CA SER A 312 36.26 0.72 3.44
C SER A 312 35.76 0.31 2.06
N GLU A 313 36.68 0.08 1.11
CA GLU A 313 36.26 -0.35 -0.22
C GLU A 313 35.60 -1.73 -0.17
N TYR A 314 36.14 -2.63 0.66
CA TYR A 314 35.56 -3.95 0.82
C TYR A 314 34.16 -3.87 1.39
N VAL A 315 33.93 -2.98 2.37
CA VAL A 315 32.62 -2.84 2.98
C VAL A 315 31.60 -2.38 1.94
N ASN A 316 31.98 -1.43 1.09
CA ASN A 316 31.07 -0.92 0.08
C ASN A 316 30.66 -2.01 -0.92
N GLU A 317 31.63 -2.85 -1.31
CA GLU A 317 31.31 -3.96 -2.21
C GLU A 317 30.32 -4.93 -1.57
N LEU A 318 30.53 -5.26 -0.29
CA LEU A 318 29.65 -6.19 0.39
C LEU A 318 28.25 -5.62 0.54
N THR A 319 28.14 -4.33 0.86
CA THR A 319 26.82 -3.71 1.01
C THR A 319 26.03 -3.79 -0.29
N GLN A 320 26.69 -3.51 -1.42
CA GLN A 320 26.02 -3.62 -2.72
C GLN A 320 25.64 -5.07 -3.02
N LYS A 321 26.54 -6.02 -2.71
CA LYS A 321 26.25 -7.43 -2.95
C LYS A 321 25.07 -7.90 -2.11
N LEU A 322 25.03 -7.52 -0.83
CA LEU A 322 23.89 -7.88 0.01
C LEU A 322 22.61 -7.21 -0.48
N SER A 323 22.72 -5.95 -0.90
CA SER A 323 21.54 -5.23 -1.38
C SER A 323 20.97 -5.89 -2.63
N ASN A 324 21.84 -6.31 -3.55
CA ASN A 324 21.39 -7.02 -4.75
C ASN A 324 20.73 -8.35 -4.41
N ALA A 325 21.06 -8.94 -3.26
CA ALA A 325 20.45 -10.19 -2.81
C ALA A 325 19.12 -9.97 -2.11
N GLY A 326 18.66 -8.73 -2.00
CA GLY A 326 17.37 -8.44 -1.40
C GLY A 326 17.37 -8.22 0.09
N ILE A 327 18.54 -7.99 0.69
CA ILE A 327 18.66 -7.82 2.13
C ILE A 327 18.78 -6.33 2.44
N ARG A 328 17.99 -5.85 3.40
CA ARG A 328 18.05 -4.47 3.85
C ARG A 328 19.34 -4.27 4.64
N VAL A 329 20.34 -3.67 3.99
CA VAL A 329 21.70 -3.61 4.53
C VAL A 329 22.19 -2.18 4.47
N LYS A 330 22.97 -1.78 5.49
CA LYS A 330 23.57 -0.46 5.55
C LYS A 330 25.05 -0.58 5.87
N ALA A 331 25.81 0.40 5.41
CA ALA A 331 27.24 0.47 5.67
C ALA A 331 27.54 1.54 6.73
N ASP A 332 28.41 1.19 7.67
CA ASP A 332 28.82 2.10 8.74
C ASP A 332 30.32 2.32 8.60
N LEU A 333 30.71 3.40 7.92
CA LEU A 333 32.10 3.71 7.65
C LEU A 333 32.63 4.85 8.51
N ARG A 334 31.95 5.16 9.61
CA ARG A 334 32.33 6.30 10.44
C ARG A 334 33.68 6.04 11.11
N ASN A 335 34.33 7.13 11.51
CA ASN A 335 35.62 7.05 12.20
C ASN A 335 35.39 6.85 13.70
N GLU A 336 34.96 5.64 14.04
CA GLU A 336 34.65 5.27 15.42
C GLU A 336 35.20 3.88 15.71
N LYS A 337 35.40 3.62 17.00
CA LYS A 337 35.85 2.30 17.43
C LYS A 337 34.77 1.26 17.12
N ILE A 338 35.24 0.04 16.85
CA ILE A 338 34.33 -1.05 16.49
C ILE A 338 33.33 -1.31 17.61
N GLY A 339 33.78 -1.23 18.86
CA GLY A 339 32.86 -1.41 19.97
C GLY A 339 31.80 -0.31 20.04
N PHE A 340 32.18 0.91 19.67
CA PHE A 340 31.21 2.01 19.62
C PHE A 340 30.12 1.72 18.59
N LYS A 341 30.53 1.27 17.40
CA LYS A 341 29.55 0.97 16.35
C LYS A 341 28.63 -0.18 16.74
N ILE A 342 29.20 -1.23 17.33
CA ILE A 342 28.41 -2.39 17.73
C ILE A 342 27.36 -2.00 18.75
N ARG A 343 27.75 -1.19 19.75
CA ARG A 343 26.81 -0.80 20.80
C ARG A 343 25.68 0.05 20.24
N GLU A 344 25.98 0.93 19.28
CA GLU A 344 24.94 1.79 18.71
C GLU A 344 23.92 0.98 17.92
N HIS A 345 24.39 0.08 17.05
CA HIS A 345 23.47 -0.69 16.23
C HIS A 345 22.77 -1.78 17.03
N THR A 346 23.35 -2.23 18.14
CA THR A 346 22.62 -3.11 19.05
C THR A 346 21.43 -2.38 19.66
N LEU A 347 21.63 -1.12 20.04
CA LEU A 347 20.50 -0.31 20.51
C LEU A 347 19.46 -0.14 19.42
N ARG A 348 19.87 -0.15 18.15
CA ARG A 348 18.94 -0.08 17.04
C ARG A 348 18.32 -1.43 16.70
N ARG A 349 18.71 -2.49 17.42
CA ARG A 349 18.14 -3.84 17.25
C ARG A 349 18.36 -4.35 15.83
N VAL A 350 19.51 -4.02 15.25
CA VAL A 350 19.90 -4.57 13.95
C VAL A 350 20.26 -6.03 14.17
N PRO A 351 19.63 -6.97 13.47
CA PRO A 351 19.89 -8.39 13.76
C PRO A 351 21.34 -8.81 13.63
N TYR A 352 22.01 -8.44 12.54
CA TYR A 352 23.38 -8.88 12.29
C TYR A 352 24.27 -7.69 11.99
N MET A 353 25.46 -7.70 12.57
CA MET A 353 26.51 -6.71 12.29
C MET A 353 27.71 -7.45 11.76
N LEU A 354 28.18 -7.04 10.57
CA LEU A 354 29.31 -7.68 9.92
C LEU A 354 30.54 -6.80 10.08
N VAL A 355 31.59 -7.35 10.67
CA VAL A 355 32.83 -6.63 10.95
C VAL A 355 33.87 -7.05 9.91
N CYS A 356 34.56 -6.08 9.33
CA CYS A 356 35.51 -6.33 8.25
C CYS A 356 36.86 -5.75 8.61
N GLY A 357 37.83 -6.62 8.88
CA GLY A 357 39.22 -6.22 8.99
C GLY A 357 40.01 -6.60 7.74
N ASP A 358 41.33 -6.45 7.83
CA ASP A 358 42.16 -6.86 6.72
C ASP A 358 42.12 -8.37 6.59
N LYS A 359 41.86 -9.05 7.70
CA LYS A 359 41.76 -10.51 7.66
C LYS A 359 40.60 -10.95 6.82
N GLU A 360 39.50 -10.22 6.90
CA GLU A 360 38.32 -10.59 6.13
C GLU A 360 38.41 -10.09 4.70
N VAL A 361 38.98 -8.91 4.54
CA VAL A 361 39.13 -8.36 3.21
C VAL A 361 39.93 -9.34 2.38
N GLU A 362 41.01 -9.86 2.95
CA GLU A 362 41.86 -10.79 2.23
C GLU A 362 41.19 -12.13 2.03
N SER A 363 40.48 -12.61 3.04
CA SER A 363 39.87 -13.93 2.94
C SER A 363 38.50 -13.94 2.30
N GLY A 364 37.96 -12.76 2.00
CA GLY A 364 36.60 -12.70 1.48
C GLY A 364 35.56 -13.22 2.43
N LYS A 365 35.78 -13.00 3.72
CA LYS A 365 34.84 -13.43 4.73
C LYS A 365 34.36 -12.25 5.56
N VAL A 366 33.52 -12.52 6.56
CA VAL A 366 32.99 -11.48 7.43
C VAL A 366 32.91 -12.02 8.85
N ALA A 367 33.23 -11.15 9.82
CA ALA A 367 33.06 -11.49 11.23
C ALA A 367 31.64 -11.08 11.66
N VAL A 368 30.90 -12.03 12.21
CA VAL A 368 29.47 -11.87 12.44
C VAL A 368 29.21 -11.69 13.93
N ARG A 369 28.41 -10.66 14.23
CA ARG A 369 28.00 -10.37 15.59
C ARG A 369 26.50 -10.08 15.56
N THR A 370 25.75 -10.51 16.58
CA THR A 370 24.31 -10.33 16.64
C THR A 370 23.94 -9.29 17.68
N ARG A 371 22.71 -8.77 17.55
CA ARG A 371 22.19 -7.79 18.50
C ARG A 371 22.05 -8.37 19.90
N ARG A 372 22.07 -9.69 20.04
CA ARG A 372 22.00 -10.35 21.33
C ARG A 372 23.38 -10.50 21.99
N GLY A 373 24.42 -9.96 21.37
CA GLY A 373 25.76 -10.01 21.93
C GLY A 373 26.56 -11.23 21.57
N LYS A 374 26.07 -12.09 20.68
CA LYS A 374 26.78 -13.31 20.33
C LYS A 374 27.83 -13.06 19.26
N ASP A 375 28.96 -13.76 19.37
CA ASP A 375 30.01 -13.73 18.37
C ASP A 375 29.91 -15.03 17.57
N LEU A 376 29.52 -14.90 16.30
CA LEU A 376 29.32 -16.06 15.45
C LEU A 376 30.56 -16.44 14.65
N GLY A 377 31.65 -15.72 14.81
CA GLY A 377 32.87 -16.03 14.10
C GLY A 377 32.80 -15.65 12.64
N SER A 378 33.84 -16.06 11.91
CA SER A 378 33.93 -15.77 10.48
C SER A 378 33.44 -16.96 9.67
N MET A 379 32.58 -16.69 8.69
CA MET A 379 32.30 -17.65 7.64
C MET A 379 32.03 -16.91 6.34
N ASP A 380 32.01 -17.66 5.25
CA ASP A 380 32.06 -17.08 3.91
C ASP A 380 30.86 -16.17 3.64
N VAL A 381 31.08 -15.20 2.77
CA VAL A 381 30.04 -14.21 2.45
C VAL A 381 28.82 -14.88 1.83
N ASN A 382 29.06 -15.77 0.86
CA ASN A 382 27.94 -16.43 0.18
C ASN A 382 27.14 -17.30 1.14
N GLU A 383 27.80 -17.91 2.13
CA GLU A 383 27.07 -18.66 3.14
C GLU A 383 26.21 -17.74 3.99
N VAL A 384 26.71 -16.56 4.32
CA VAL A 384 25.93 -15.59 5.09
C VAL A 384 24.70 -15.15 4.31
N ILE A 385 24.87 -14.88 3.01
CA ILE A 385 23.75 -14.50 2.16
C ILE A 385 22.67 -15.57 2.18
N GLU A 386 23.07 -16.82 1.96
CA GLU A 386 22.10 -17.91 1.85
C GLU A 386 21.34 -18.10 3.16
N LYS A 387 22.03 -18.05 4.29
CA LYS A 387 21.36 -18.21 5.58
C LYS A 387 20.40 -17.07 5.85
N LEU A 388 20.81 -15.83 5.53
CA LEU A 388 19.93 -14.68 5.73
C LEU A 388 18.68 -14.80 4.87
N GLN A 389 18.84 -15.21 3.62
CA GLN A 389 17.69 -15.36 2.73
C GLN A 389 16.73 -16.41 3.25
N GLN A 390 17.26 -17.53 3.76
CA GLN A 390 16.40 -18.56 4.34
C GLN A 390 15.68 -18.02 5.58
N GLU A 391 16.38 -17.24 6.41
CA GLU A 391 15.74 -16.68 7.59
C GLU A 391 14.65 -15.69 7.22
N ILE A 392 14.86 -14.94 6.14
CA ILE A 392 13.87 -13.95 5.72
C ILE A 392 12.68 -14.62 5.03
N ARG A 393 12.95 -15.51 4.07
CA ARG A 393 11.87 -16.11 3.30
C ARG A 393 10.99 -17.00 4.18
N SER A 394 11.58 -17.69 5.16
CA SER A 394 10.80 -18.51 6.06
C SER A 394 10.15 -17.71 7.18
N ARG A 395 10.48 -16.42 7.30
CA ARG A 395 9.97 -15.55 8.37
C ARG A 395 10.26 -16.17 9.74
N SER A 396 11.48 -16.68 9.90
CA SER A 396 11.87 -17.36 11.12
C SER A 396 11.91 -16.41 12.30
N LEU A 397 11.53 -16.93 13.48
CA LEU A 397 11.55 -16.16 14.70
C LEU A 397 12.94 -16.07 15.34
N LYS A 398 13.81 -17.03 15.06
CA LYS A 398 15.11 -17.13 15.71
C LYS A 398 16.23 -16.84 14.72
N GLN A 399 17.33 -16.32 15.24
CA GLN A 399 18.48 -15.93 14.43
C GLN A 399 19.38 -17.15 14.20
N LEU A 400 20.57 -16.90 13.63
CA LEU A 400 21.50 -17.98 13.36
C LEU A 400 22.08 -18.54 14.66
N GLU A 401 22.07 -19.87 14.78
CA GLU A 401 22.56 -20.54 15.98
C GLU A 401 21.80 -20.14 17.24
N GLU A 402 20.54 -19.74 17.07
CA GLU A 402 19.72 -19.28 18.18
C GLU A 402 18.57 -20.23 18.46
N ARG B 2 -12.14 3.69 -27.34
CA ARG B 2 -10.92 3.64 -26.54
C ARG B 2 -11.05 4.52 -25.29
N ASP B 3 -12.29 4.81 -24.91
CA ASP B 3 -12.55 5.60 -23.71
C ASP B 3 -12.31 4.74 -22.48
N HIS B 4 -11.47 5.24 -21.56
CA HIS B 4 -11.07 4.44 -20.41
C HIS B 4 -12.25 4.12 -19.50
N ARG B 5 -13.24 5.02 -19.42
CA ARG B 5 -14.41 4.75 -18.60
C ARG B 5 -15.20 3.56 -19.14
N LYS B 6 -15.28 3.44 -20.46
CA LYS B 6 -15.98 2.30 -21.04
C LYS B 6 -15.17 1.02 -20.86
N ILE B 7 -13.85 1.08 -21.07
CA ILE B 7 -12.99 -0.09 -20.88
C ILE B 7 -12.96 -0.49 -19.42
N GLY B 8 -12.90 0.49 -18.51
CA GLY B 8 -12.91 0.17 -17.09
C GLY B 8 -14.15 -0.58 -16.66
N LYS B 9 -15.30 -0.23 -17.25
CA LYS B 9 -16.52 -0.97 -16.96
C LYS B 9 -16.48 -2.38 -17.54
N GLN B 10 -15.96 -2.52 -18.77
CA GLN B 10 -15.93 -3.85 -19.40
C GLN B 10 -15.00 -4.79 -18.64
N LEU B 11 -13.86 -4.29 -18.19
CA LEU B 11 -12.83 -5.12 -17.57
C LEU B 11 -12.95 -5.19 -16.06
N ASP B 12 -14.01 -4.61 -15.48
CA ASP B 12 -14.26 -4.67 -14.05
C ASP B 12 -13.08 -4.09 -13.25
N LEU B 13 -12.56 -2.96 -13.71
CA LEU B 13 -11.41 -2.35 -13.05
C LEU B 13 -11.83 -1.47 -11.88
N TYR B 14 -12.90 -0.71 -12.04
CA TYR B 14 -13.34 0.25 -11.03
C TYR B 14 -14.77 0.65 -11.33
N HIS B 15 -15.35 1.43 -10.42
CA HIS B 15 -16.64 2.06 -10.68
C HIS B 15 -16.74 3.31 -9.84
N MET B 16 -17.62 4.22 -10.23
CA MET B 16 -17.82 5.43 -9.46
C MET B 16 -19.31 5.63 -9.23
N GLN B 17 -19.66 6.16 -8.07
CA GLN B 17 -21.06 6.41 -7.78
C GLN B 17 -21.29 7.86 -7.42
N GLU B 18 -22.54 8.30 -7.53
CA GLU B 18 -22.89 9.68 -7.21
C GLU B 18 -22.92 9.95 -5.70
N GLU B 19 -22.83 8.90 -4.89
CA GLU B 19 -22.78 9.08 -3.44
C GLU B 19 -21.36 9.42 -3.02
N ALA B 20 -20.44 9.39 -3.96
CA ALA B 20 -19.06 9.72 -3.67
C ALA B 20 -18.46 10.28 -4.93
N PRO B 21 -18.89 11.47 -5.32
CA PRO B 21 -18.40 12.05 -6.58
C PRO B 21 -16.90 12.21 -6.65
N GLY B 22 -16.30 11.86 -7.78
CA GLY B 22 -14.86 11.96 -7.94
C GLY B 22 -14.06 11.02 -7.08
N MET B 23 -14.69 9.98 -6.52
CA MET B 23 -14.01 9.03 -5.65
C MET B 23 -14.11 7.64 -6.26
N VAL B 24 -12.98 6.96 -6.35
CA VAL B 24 -12.87 5.73 -7.13
C VAL B 24 -13.06 4.52 -6.22
N PHE B 25 -13.96 3.62 -6.62
CA PHE B 25 -14.07 2.29 -6.03
C PHE B 25 -13.17 1.38 -6.86
N TRP B 26 -12.00 1.03 -6.33
CA TRP B 26 -11.06 0.17 -7.06
C TRP B 26 -11.48 -1.28 -6.86
N HIS B 27 -11.87 -1.95 -7.94
CA HIS B 27 -12.19 -3.35 -7.90
C HIS B 27 -10.91 -4.18 -7.88
N ASN B 28 -11.06 -5.50 -7.77
CA ASN B 28 -9.90 -6.38 -7.62
C ASN B 28 -8.95 -6.26 -8.81
N ASP B 29 -9.49 -6.29 -10.02
CA ASP B 29 -8.65 -6.24 -11.21
C ASP B 29 -7.98 -4.89 -11.37
N GLY B 30 -8.73 -3.80 -11.10
CA GLY B 30 -8.12 -2.47 -11.16
C GLY B 30 -7.10 -2.26 -10.06
N TRP B 31 -7.38 -2.76 -8.85
CA TRP B 31 -6.44 -2.62 -7.76
C TRP B 31 -5.17 -3.42 -7.99
N THR B 32 -5.26 -4.50 -8.77
CA THR B 32 -4.06 -5.25 -9.13
C THR B 32 -3.12 -4.41 -9.98
N ILE B 33 -3.68 -3.67 -10.95
CA ILE B 33 -2.86 -2.77 -11.76
C ILE B 33 -2.27 -1.68 -10.89
N PHE B 34 -3.06 -1.13 -9.96
CA PHE B 34 -2.58 -0.12 -9.03
C PHE B 34 -1.37 -0.63 -8.25
N ARG B 35 -1.49 -1.84 -7.69
CA ARG B 35 -0.41 -2.38 -6.87
C ARG B 35 0.82 -2.71 -7.70
N GLU B 36 0.64 -3.15 -8.95
CA GLU B 36 1.78 -3.43 -9.81
C GLU B 36 2.57 -2.17 -10.12
N LEU B 37 1.87 -1.05 -10.33
CA LEU B 37 2.56 0.22 -10.53
C LEU B 37 3.30 0.63 -9.26
N GLU B 38 2.72 0.36 -8.10
CA GLU B 38 3.41 0.61 -6.83
C GLU B 38 4.71 -0.20 -6.75
N VAL B 39 4.65 -1.48 -7.15
CA VAL B 39 5.85 -2.31 -7.17
C VAL B 39 6.86 -1.75 -8.16
N PHE B 40 6.39 -1.32 -9.34
CA PHE B 40 7.28 -0.75 -10.35
C PHE B 40 7.96 0.52 -9.83
N VAL B 41 7.18 1.39 -9.19
CA VAL B 41 7.75 2.64 -8.67
C VAL B 41 8.74 2.34 -7.55
N ARG B 42 8.40 1.41 -6.66
CA ARG B 42 9.29 1.10 -5.54
C ARG B 42 10.61 0.53 -6.02
N SER B 43 10.58 -0.29 -7.08
CA SER B 43 11.82 -0.84 -7.63
C SER B 43 12.72 0.27 -8.15
N LYS B 44 12.14 1.26 -8.81
CA LYS B 44 12.94 2.40 -9.29
C LYS B 44 13.46 3.23 -8.12
N LEU B 45 12.64 3.45 -7.10
CA LEU B 45 13.04 4.33 -6.02
C LEU B 45 14.14 3.73 -5.16
N LYS B 46 14.20 2.39 -5.06
CA LYS B 46 15.33 1.74 -4.43
C LYS B 46 16.62 2.01 -5.21
N GLU B 47 16.52 2.02 -6.55
CA GLU B 47 17.68 2.30 -7.38
C GLU B 47 18.22 3.70 -7.14
N TYR B 48 17.33 4.69 -6.98
CA TYR B 48 17.71 6.08 -6.81
C TYR B 48 17.82 6.48 -5.34
N GLN B 49 17.72 5.52 -4.42
CA GLN B 49 17.93 5.75 -2.99
C GLN B 49 16.95 6.77 -2.42
N TYR B 50 15.67 6.40 -2.45
CA TYR B 50 14.61 7.17 -1.82
C TYR B 50 14.17 6.50 -0.52
N GLN B 51 13.93 7.31 0.51
CA GLN B 51 13.14 6.83 1.63
C GLN B 51 11.67 6.73 1.20
N GLU B 52 10.92 5.89 1.91
CA GLU B 52 9.47 5.87 1.75
C GLU B 52 8.84 6.08 3.13
N VAL B 53 7.93 7.04 3.21
CA VAL B 53 7.26 7.41 4.44
C VAL B 53 5.76 7.41 4.19
N LYS B 54 5.00 7.75 5.23
CA LYS B 54 3.56 7.90 5.10
C LYS B 54 3.09 8.97 6.08
N GLY B 55 2.57 10.07 5.55
CA GLY B 55 2.04 11.13 6.36
C GLY B 55 0.60 10.86 6.75
N PRO B 56 0.14 11.53 7.80
CA PRO B 56 -1.24 11.34 8.25
C PRO B 56 -2.21 12.02 7.30
N PHE B 57 -3.50 11.71 7.49
CA PHE B 57 -4.50 12.25 6.58
C PHE B 57 -4.71 13.74 6.78
N MET B 58 -4.90 14.17 8.03
CA MET B 58 -5.28 15.54 8.30
C MET B 58 -4.34 16.16 9.33
N MET B 59 -4.17 17.48 9.22
CA MET B 59 -3.38 18.25 10.15
C MET B 59 -4.11 19.55 10.45
N ASP B 60 -3.67 20.24 11.50
CA ASP B 60 -4.32 21.47 11.92
C ASP B 60 -4.28 22.51 10.81
N ARG B 61 -5.37 23.29 10.70
CA ARG B 61 -5.42 24.38 9.75
C ARG B 61 -4.33 25.42 10.00
N VAL B 62 -3.81 25.49 11.22
CA VAL B 62 -2.69 26.40 11.52
C VAL B 62 -1.47 25.99 10.70
N LEU B 63 -1.27 24.70 10.50
CA LEU B 63 -0.19 24.21 9.64
C LEU B 63 -0.31 24.80 8.24
N TRP B 64 -1.49 24.68 7.64
CA TRP B 64 -1.67 25.15 6.26
C TRP B 64 -1.68 26.67 6.17
N GLU B 65 -1.92 27.36 7.28
CA GLU B 65 -1.71 28.81 7.30
C GLU B 65 -0.23 29.15 7.22
N LYS B 66 0.61 28.40 7.92
CA LYS B 66 2.05 28.67 7.90
C LYS B 66 2.63 28.51 6.51
N THR B 67 2.21 27.46 5.80
CA THR B 67 2.71 27.22 4.45
C THR B 67 2.18 28.22 3.43
N GLY B 68 1.09 28.91 3.75
CA GLY B 68 0.39 29.71 2.78
C GLY B 68 -0.65 28.97 1.98
N HIS B 69 -0.82 27.66 2.23
CA HIS B 69 -1.84 26.90 1.54
C HIS B 69 -3.23 27.42 1.85
N TRP B 70 -3.49 27.80 3.10
CA TRP B 70 -4.85 28.21 3.44
C TRP B 70 -5.27 29.47 2.70
N ASP B 71 -4.33 30.35 2.39
CA ASP B 71 -4.69 31.55 1.65
C ASP B 71 -4.73 31.31 0.14
N ASN B 72 -3.84 30.46 -0.38
CA ASN B 72 -3.71 30.23 -1.80
C ASN B 72 -4.38 28.95 -2.28
N TYR B 73 -4.96 28.16 -1.37
CA TYR B 73 -5.54 26.86 -1.73
C TYR B 73 -6.84 26.57 -0.98
N LYS B 74 -7.48 27.59 -0.43
CA LYS B 74 -8.56 27.36 0.54
C LYS B 74 -9.75 26.63 -0.08
N ASP B 75 -10.27 27.16 -1.20
CA ASP B 75 -11.54 26.67 -1.72
C ASP B 75 -11.48 25.23 -2.20
N ALA B 76 -10.29 24.71 -2.48
CA ALA B 76 -10.12 23.36 -2.99
C ALA B 76 -9.84 22.34 -1.90
N MET B 77 -9.91 22.73 -0.64
CA MET B 77 -9.54 21.87 0.48
C MET B 77 -10.76 21.39 1.24
N PHE B 78 -10.77 20.10 1.57
CA PHE B 78 -11.78 19.55 2.46
C PHE B 78 -11.37 19.78 3.90
N THR B 79 -12.32 20.22 4.72
CA THR B 79 -12.07 20.52 6.12
C THR B 79 -13.02 19.73 7.01
N THR B 80 -12.57 19.47 8.23
CA THR B 80 -13.35 18.71 9.21
C THR B 80 -13.08 19.28 10.60
N SER B 81 -13.78 18.74 11.59
CA SER B 81 -13.77 19.29 12.94
C SER B 81 -13.56 18.20 13.97
N SER B 82 -12.91 18.56 15.08
CA SER B 82 -12.78 17.69 16.24
C SER B 82 -12.40 18.53 17.44
N GLU B 83 -13.26 18.54 18.46
CA GLU B 83 -12.98 19.22 19.73
C GLU B 83 -12.57 20.67 19.52
N ASN B 84 -13.39 21.39 18.74
CA ASN B 84 -13.25 22.83 18.52
C ASN B 84 -11.97 23.18 17.77
N ARG B 85 -11.47 22.28 16.92
CA ARG B 85 -10.33 22.55 16.09
C ARG B 85 -10.63 22.14 14.65
N GLU B 86 -10.03 22.87 13.71
CA GLU B 86 -10.18 22.57 12.29
C GLU B 86 -9.01 21.74 11.80
N TYR B 87 -9.31 20.78 10.93
CA TYR B 87 -8.29 19.97 10.29
C TYR B 87 -8.52 19.98 8.79
N CYS B 88 -7.44 19.97 8.03
CA CYS B 88 -7.51 19.99 6.57
C CYS B 88 -7.17 18.60 6.05
N ILE B 89 -8.08 18.03 5.28
CA ILE B 89 -7.74 16.83 4.51
C ILE B 89 -6.63 17.21 3.54
N LYS B 90 -5.50 16.54 3.65
CA LYS B 90 -4.30 17.01 2.97
C LYS B 90 -4.49 16.96 1.45
N PRO B 91 -4.33 18.07 0.75
CA PRO B 91 -4.31 18.03 -0.72
C PRO B 91 -2.94 17.79 -1.30
N MET B 92 -1.90 17.92 -0.47
CA MET B 92 -0.51 17.71 -0.88
C MET B 92 0.22 17.02 0.27
N ASN B 93 1.38 16.44 -0.06
CA ASN B 93 2.18 15.72 0.92
C ASN B 93 3.39 16.51 1.41
N CYS B 94 3.65 17.68 0.86
CA CYS B 94 4.85 18.43 1.22
C CYS B 94 4.90 18.79 2.70
N PRO B 95 3.87 19.40 3.31
CA PRO B 95 3.98 19.73 4.74
C PRO B 95 4.23 18.53 5.64
N GLY B 96 3.63 17.38 5.32
CA GLY B 96 3.87 16.19 6.12
C GLY B 96 5.30 15.71 6.04
N HIS B 97 5.91 15.79 4.84
CA HIS B 97 7.29 15.36 4.69
C HIS B 97 8.25 16.29 5.43
N VAL B 98 7.96 17.58 5.44
CA VAL B 98 8.80 18.52 6.19
C VAL B 98 8.73 18.23 7.68
N GLN B 99 7.56 17.81 8.17
CA GLN B 99 7.45 17.47 9.58
C GLN B 99 8.32 16.28 9.94
N ILE B 100 8.36 15.25 9.08
CA ILE B 100 9.26 14.13 9.31
C ILE B 100 10.71 14.58 9.20
N PHE B 101 11.00 15.47 8.25
CA PHE B 101 12.34 16.01 8.13
C PHE B 101 12.76 16.76 9.39
N ASN B 102 11.82 17.46 10.03
CA ASN B 102 12.13 18.26 11.21
C ASN B 102 12.36 17.41 12.45
N GLN B 103 12.05 16.11 12.41
CA GLN B 103 12.29 15.23 13.55
C GLN B 103 13.76 14.84 13.57
N GLY B 104 14.49 15.31 14.57
CA GLY B 104 15.90 14.99 14.68
C GLY B 104 16.78 15.99 13.95
N LEU B 105 17.99 16.18 14.49
CA LEU B 105 18.92 17.12 13.90
C LEU B 105 19.46 16.59 12.57
N LYS B 106 19.46 17.43 11.56
CA LYS B 106 19.97 17.09 10.24
C LYS B 106 21.25 17.88 9.97
N SER B 107 22.19 17.24 9.29
CA SER B 107 23.44 17.87 8.88
C SER B 107 23.57 17.78 7.36
N TYR B 108 24.59 18.46 6.84
CA TYR B 108 24.87 18.40 5.41
C TYR B 108 25.14 16.98 4.95
N ARG B 109 25.63 16.12 5.85
CA ARG B 109 25.87 14.72 5.51
C ARG B 109 24.59 13.96 5.22
N ASP B 110 23.45 14.46 5.67
CA ASP B 110 22.16 13.84 5.38
C ASP B 110 21.58 14.25 4.05
N LEU B 111 22.20 15.22 3.36
CA LEU B 111 21.66 15.74 2.12
C LEU B 111 22.46 15.23 0.92
N PRO B 112 21.80 14.97 -0.22
CA PRO B 112 20.35 15.13 -0.46
C PRO B 112 19.53 14.04 0.21
N LEU B 113 18.42 14.42 0.82
CA LEU B 113 17.52 13.49 1.48
C LEU B 113 16.28 13.35 0.62
N ARG B 114 16.09 12.16 0.03
CA ARG B 114 15.00 11.91 -0.89
C ARG B 114 13.92 11.12 -0.15
N MET B 115 12.75 11.74 0.04
CA MET B 115 11.68 11.23 0.90
C MET B 115 10.40 11.05 0.08
N ALA B 116 10.04 9.81 -0.18
CA ALA B 116 8.94 9.46 -1.07
C ALA B 116 7.73 8.93 -0.33
N GLU B 117 6.56 9.09 -0.96
CA GLU B 117 5.31 8.60 -0.39
C GLU B 117 4.27 8.44 -1.49
N PHE B 118 3.51 7.35 -1.42
CA PHE B 118 2.29 7.20 -2.21
C PHE B 118 1.18 7.92 -1.45
N GLY B 119 1.17 9.25 -1.58
CA GLY B 119 0.32 10.09 -0.77
C GLY B 119 -1.08 10.27 -1.27
N SER B 120 -2.06 9.92 -0.44
CA SER B 120 -3.46 10.14 -0.78
C SER B 120 -3.78 11.62 -0.64
N CYS B 121 -4.20 12.23 -1.75
CA CYS B 121 -4.56 13.64 -1.78
C CYS B 121 -6.03 13.79 -2.08
N HIS B 122 -6.67 14.76 -1.43
CA HIS B 122 -8.08 15.06 -1.65
C HIS B 122 -8.24 16.55 -1.92
N ARG B 123 -8.84 16.86 -3.07
CA ARG B 123 -9.07 18.24 -3.49
C ARG B 123 -10.51 18.40 -3.94
N ASN B 124 -11.15 19.47 -3.50
CA ASN B 124 -12.55 19.73 -3.84
C ASN B 124 -12.63 20.36 -5.23
N GLU B 125 -12.32 19.53 -6.23
CA GLU B 125 -12.42 19.97 -7.61
C GLU B 125 -13.89 20.23 -7.96
N PRO B 126 -14.18 21.23 -8.78
CA PRO B 126 -15.56 21.47 -9.20
C PRO B 126 -16.15 20.25 -9.88
N SER B 127 -17.39 19.92 -9.52
CA SER B 127 -17.99 18.68 -9.99
C SER B 127 -18.15 18.65 -11.50
N GLY B 128 -18.23 19.82 -12.15
CA GLY B 128 -18.32 19.85 -13.60
C GLY B 128 -17.02 19.53 -14.30
N SER B 129 -15.90 19.58 -13.59
CA SER B 129 -14.60 19.28 -14.18
C SER B 129 -14.18 17.82 -14.00
N LEU B 130 -14.94 17.03 -13.24
CA LEU B 130 -14.57 15.64 -13.03
C LEU B 130 -14.74 14.84 -14.32
N HIS B 131 -13.81 13.92 -14.55
CA HIS B 131 -13.82 13.13 -15.79
C HIS B 131 -13.13 11.80 -15.51
N GLY B 132 -13.92 10.77 -15.26
CA GLY B 132 -13.40 9.41 -15.13
C GLY B 132 -12.30 9.32 -14.09
N LEU B 133 -11.21 8.64 -14.45
CA LEU B 133 -10.01 8.56 -13.62
C LEU B 133 -9.07 9.73 -13.86
N MET B 134 -9.29 10.53 -14.91
CA MET B 134 -8.35 11.60 -15.26
C MET B 134 -8.36 12.70 -14.21
N ARG B 135 -9.55 13.17 -13.87
CA ARG B 135 -9.68 14.18 -12.83
C ARG B 135 -10.64 13.68 -11.77
N VAL B 136 -10.14 13.49 -10.57
CA VAL B 136 -10.92 12.96 -9.46
C VAL B 136 -10.76 13.89 -8.27
N ARG B 137 -11.54 13.61 -7.23
CA ARG B 137 -11.43 14.36 -5.99
C ARG B 137 -10.49 13.71 -4.99
N GLY B 138 -10.31 12.40 -5.08
CA GLY B 138 -9.34 11.70 -4.25
C GLY B 138 -8.40 10.86 -5.10
N PHE B 139 -7.10 11.09 -4.98
CA PHE B 139 -6.13 10.39 -5.81
C PHE B 139 -4.85 10.17 -5.01
N THR B 140 -4.02 9.26 -5.53
CA THR B 140 -2.75 8.90 -4.91
C THR B 140 -1.62 9.33 -5.82
N GLN B 141 -0.73 10.18 -5.31
CA GLN B 141 0.44 10.62 -6.05
C GLN B 141 1.65 9.77 -5.69
N ASP B 142 2.49 9.49 -6.69
CA ASP B 142 3.81 8.90 -6.44
C ASP B 142 4.79 10.02 -6.08
N ASP B 143 4.47 10.67 -4.98
CA ASP B 143 5.07 11.91 -4.54
C ASP B 143 6.40 11.67 -3.83
N ALA B 144 7.22 12.71 -3.81
CA ALA B 144 8.43 12.73 -3.00
C ALA B 144 8.94 14.16 -2.92
N HIS B 145 9.77 14.43 -1.91
CA HIS B 145 10.43 15.72 -1.73
C HIS B 145 11.90 15.48 -1.44
N ILE B 146 12.77 16.19 -2.15
CA ILE B 146 14.22 16.05 -1.99
C ILE B 146 14.73 17.29 -1.28
N PHE B 147 15.31 17.10 -0.09
CA PHE B 147 15.92 18.18 0.65
C PHE B 147 17.41 18.19 0.33
N CYS B 148 17.92 19.32 -0.15
CA CYS B 148 19.29 19.38 -0.62
C CYS B 148 19.81 20.80 -0.50
N THR B 149 21.10 20.96 -0.80
CA THR B 149 21.75 22.26 -0.79
C THR B 149 21.58 22.95 -2.14
N GLU B 150 21.98 24.21 -2.19
CA GLU B 150 21.90 24.96 -3.45
C GLU B 150 22.79 24.36 -4.51
N GLU B 151 23.99 23.92 -4.13
CA GLU B 151 24.91 23.31 -5.08
C GLU B 151 24.40 21.97 -5.61
N GLN B 152 23.50 21.31 -4.89
CA GLN B 152 22.98 20.00 -5.29
C GLN B 152 21.72 20.10 -6.16
N ILE B 153 21.28 21.32 -6.50
CA ILE B 153 20.04 21.48 -7.26
C ILE B 153 20.18 20.88 -8.65
N ARG B 154 21.30 21.13 -9.32
CA ARG B 154 21.46 20.68 -10.70
C ARG B 154 21.38 19.16 -10.81
N ASP B 155 22.13 18.46 -9.94
CA ASP B 155 22.13 17.00 -9.98
C ASP B 155 20.78 16.41 -9.62
N GLU B 156 20.12 16.98 -8.60
CA GLU B 156 18.86 16.42 -8.14
C GLU B 156 17.74 16.63 -9.15
N VAL B 157 17.68 17.81 -9.77
CA VAL B 157 16.69 18.05 -10.82
C VAL B 157 17.00 17.19 -12.03
N ASN B 158 18.28 17.01 -12.35
CA ASN B 158 18.66 16.11 -13.44
C ASN B 158 18.21 14.68 -13.14
N GLY B 159 18.37 14.24 -11.90
CA GLY B 159 17.91 12.90 -11.54
C GLY B 159 16.41 12.74 -11.67
N CYS B 160 15.65 13.79 -11.33
CA CYS B 160 14.20 13.74 -11.49
C CYS B 160 13.81 13.62 -12.95
N ILE B 161 14.48 14.37 -13.83
CA ILE B 161 14.17 14.30 -15.26
C ILE B 161 14.57 12.94 -15.83
N ARG B 162 15.72 12.41 -15.40
CA ARG B 162 16.12 11.08 -15.84
C ARG B 162 15.11 10.03 -15.39
N LEU B 163 14.59 10.18 -14.17
CA LEU B 163 13.60 9.23 -13.67
C LEU B 163 12.33 9.25 -14.51
N VAL B 164 11.92 10.42 -14.97
CA VAL B 164 10.67 10.53 -15.74
C VAL B 164 10.78 9.74 -17.04
N TYR B 165 11.86 9.94 -17.79
CA TYR B 165 12.00 9.27 -19.07
C TYR B 165 12.35 7.78 -18.90
N ASP B 166 13.04 7.44 -17.81
CA ASP B 166 13.31 6.02 -17.53
C ASP B 166 12.01 5.26 -17.33
N MET B 167 11.11 5.78 -16.49
CA MET B 167 9.87 5.08 -16.19
C MET B 167 8.87 5.19 -17.33
N TYR B 168 8.87 6.30 -18.06
CA TYR B 168 7.96 6.44 -19.19
C TYR B 168 8.33 5.52 -20.34
N SER B 169 9.63 5.26 -20.54
CA SER B 169 10.07 4.36 -21.60
C SER B 169 9.59 2.94 -21.40
N THR B 170 9.31 2.54 -20.15
CA THR B 170 8.75 1.21 -19.90
C THR B 170 7.40 1.05 -20.58
N PHE B 171 6.60 2.11 -20.64
CA PHE B 171 5.29 2.08 -21.28
C PHE B 171 5.33 2.49 -22.75
N GLY B 172 6.50 2.85 -23.26
CA GLY B 172 6.65 3.15 -24.67
C GLY B 172 5.92 4.39 -25.16
N PHE B 173 5.78 5.40 -24.30
CA PHE B 173 5.12 6.63 -24.72
C PHE B 173 5.93 7.34 -25.80
N GLU B 174 5.26 7.70 -26.89
CA GLU B 174 5.91 8.37 -28.01
C GLU B 174 5.79 9.89 -27.97
N LYS B 175 4.71 10.43 -27.40
CA LYS B 175 4.48 11.86 -27.33
C LYS B 175 4.55 12.30 -25.87
N ILE B 176 5.65 12.91 -25.48
CA ILE B 176 5.84 13.48 -24.16
C ILE B 176 6.16 14.96 -24.33
N VAL B 177 5.19 15.81 -24.04
CA VAL B 177 5.32 17.26 -24.22
C VAL B 177 5.65 17.88 -22.88
N VAL B 178 6.68 18.73 -22.86
CA VAL B 178 7.20 19.30 -21.62
C VAL B 178 6.94 20.81 -21.64
N LYS B 179 6.44 21.33 -20.52
CA LYS B 179 6.17 22.75 -20.36
C LYS B 179 6.78 23.23 -19.05
N LEU B 180 7.20 24.50 -19.05
CA LEU B 180 7.77 25.16 -17.88
C LEU B 180 6.78 26.22 -17.42
N SER B 181 6.15 25.99 -16.27
CA SER B 181 5.14 26.89 -15.74
C SER B 181 5.81 27.90 -14.81
N THR B 182 5.60 29.19 -15.10
CA THR B 182 6.26 30.27 -14.38
C THR B 182 5.37 30.79 -13.26
N ARG B 183 5.76 31.92 -12.67
CA ARG B 183 5.14 32.40 -11.45
C ARG B 183 3.66 32.73 -11.67
N PRO B 184 2.77 32.28 -10.80
CA PRO B 184 1.37 32.71 -10.90
C PRO B 184 1.19 34.11 -10.31
N GLU B 185 0.00 34.65 -10.52
CA GLU B 185 -0.38 35.90 -9.89
C GLU B 185 -0.24 35.81 -8.37
N LYS B 186 -0.82 34.77 -7.79
CA LYS B 186 -0.87 34.59 -6.34
C LYS B 186 0.28 33.66 -5.96
N ARG B 187 1.26 34.18 -5.25
CA ARG B 187 2.46 33.40 -4.96
C ARG B 187 3.10 33.90 -3.68
N ILE B 188 3.97 33.05 -3.14
CA ILE B 188 4.85 33.43 -2.04
C ILE B 188 6.28 33.41 -2.56
N GLY B 189 7.16 34.08 -1.82
CA GLY B 189 8.55 34.15 -2.26
C GLY B 189 8.82 35.42 -3.04
N SER B 190 10.07 35.88 -2.95
CA SER B 190 10.45 37.13 -3.59
C SER B 190 10.67 36.92 -5.08
N ASP B 191 10.70 38.03 -5.82
CA ASP B 191 10.90 37.98 -7.27
C ASP B 191 12.27 37.39 -7.61
N GLU B 192 13.29 37.73 -6.83
CA GLU B 192 14.63 37.22 -7.09
C GLU B 192 14.68 35.70 -6.99
N MET B 193 14.01 35.14 -5.98
CA MET B 193 13.95 33.68 -5.86
C MET B 193 13.23 33.05 -7.05
N TRP B 194 12.13 33.67 -7.50
CA TRP B 194 11.44 33.17 -8.68
C TRP B 194 12.30 33.29 -9.92
N ASP B 195 13.08 34.37 -10.03
CA ASP B 195 14.01 34.50 -11.14
C ASP B 195 15.03 33.36 -11.15
N ARG B 196 15.57 33.03 -9.98
CA ARG B 196 16.56 31.97 -9.89
C ARG B 196 15.93 30.60 -10.11
N ALA B 197 14.77 30.35 -9.49
CA ALA B 197 14.12 29.05 -9.63
C ALA B 197 13.68 28.79 -11.06
N GLU B 198 13.10 29.79 -11.71
CA GLU B 198 12.68 29.63 -13.11
C GLU B 198 13.86 29.41 -14.03
N ALA B 199 14.96 30.14 -13.79
CA ALA B 199 16.16 29.95 -14.59
C ALA B 199 16.76 28.57 -14.40
N ASP B 200 16.76 28.08 -13.16
CA ASP B 200 17.35 26.76 -12.88
C ASP B 200 16.60 25.66 -13.63
N LEU B 201 15.27 25.71 -13.62
CA LEU B 201 14.50 24.70 -14.34
C LEU B 201 14.69 24.83 -15.85
N ALA B 202 14.76 26.05 -16.36
CA ALA B 202 14.99 26.25 -17.78
C ALA B 202 16.35 25.72 -18.21
N VAL B 203 17.37 25.95 -17.38
CA VAL B 203 18.71 25.43 -17.68
C VAL B 203 18.70 23.90 -17.67
N ALA B 204 18.01 23.31 -16.70
CA ALA B 204 17.96 21.85 -16.61
C ALA B 204 17.30 21.24 -17.84
N LEU B 205 16.21 21.83 -18.32
CA LEU B 205 15.54 21.30 -19.51
C LEU B 205 16.44 21.39 -20.72
N GLU B 206 17.11 22.53 -20.91
CA GLU B 206 17.99 22.69 -22.07
C GLU B 206 19.21 21.77 -21.97
N GLU B 207 19.78 21.64 -20.77
CA GLU B 207 20.93 20.75 -20.60
C GLU B 207 20.55 19.29 -20.87
N ASN B 208 19.29 18.94 -20.65
CA ASN B 208 18.81 17.59 -20.89
C ASN B 208 18.25 17.41 -22.30
N ASN B 209 18.47 18.38 -23.19
CA ASN B 209 18.03 18.30 -24.59
C ASN B 209 16.52 18.12 -24.69
N ILE B 210 15.79 18.86 -23.88
CA ILE B 210 14.33 18.76 -23.82
C ILE B 210 13.74 20.03 -24.45
N PRO B 211 13.08 19.92 -25.60
CA PRO B 211 12.31 21.07 -26.10
C PRO B 211 11.10 21.32 -25.23
N PHE B 212 10.80 22.59 -24.98
CA PHE B 212 9.71 22.92 -24.08
C PHE B 212 9.11 24.27 -24.46
N GLU B 213 7.89 24.48 -23.98
CA GLU B 213 7.17 25.74 -24.14
C GLU B 213 6.85 26.30 -22.77
N TYR B 214 6.81 27.62 -22.68
CA TYR B 214 6.47 28.29 -21.43
C TYR B 214 4.96 28.27 -21.20
N GLN B 215 4.56 28.07 -19.95
CA GLN B 215 3.17 28.15 -19.53
C GLN B 215 3.11 29.24 -18.46
N LEU B 216 2.89 30.48 -18.90
CA LEU B 216 3.01 31.63 -18.02
C LEU B 216 1.87 31.63 -17.00
N GLY B 217 2.22 31.80 -15.73
CA GLY B 217 1.26 31.89 -14.66
C GLY B 217 0.68 30.58 -14.17
N GLU B 218 1.18 29.45 -14.65
CA GLU B 218 0.65 28.15 -14.28
C GLU B 218 1.47 27.42 -13.23
N GLY B 219 2.53 28.04 -12.72
CA GLY B 219 3.33 27.42 -11.69
C GLY B 219 2.57 27.34 -10.38
N ALA B 220 3.14 26.56 -9.45
CA ALA B 220 2.58 26.50 -8.12
C ALA B 220 2.72 27.86 -7.43
N PHE B 221 1.85 28.11 -6.45
CA PHE B 221 1.96 29.35 -5.71
C PHE B 221 3.24 29.42 -4.89
N TYR B 222 3.96 28.31 -4.77
CA TYR B 222 5.21 28.24 -4.03
C TYR B 222 6.43 27.98 -4.90
N ALA B 223 6.25 27.53 -6.15
CA ALA B 223 7.37 27.13 -6.97
C ALA B 223 6.98 27.03 -8.45
N PRO B 224 7.92 27.25 -9.36
CA PRO B 224 7.68 26.92 -10.76
C PRO B 224 7.76 25.41 -10.98
N LYS B 225 7.27 25.00 -12.12
CA LYS B 225 7.26 23.60 -12.36
C LYS B 225 7.43 23.14 -13.77
N ILE B 226 8.24 22.12 -13.95
CA ILE B 226 8.33 21.42 -15.22
C ILE B 226 7.14 20.47 -15.30
N GLU B 227 6.39 20.54 -16.39
CA GLU B 227 5.20 19.70 -16.54
C GLU B 227 5.41 18.73 -17.69
N PHE B 228 5.21 17.44 -17.42
CA PHE B 228 5.28 16.40 -18.43
C PHE B 228 3.86 16.03 -18.84
N THR B 229 3.53 16.24 -20.10
CA THR B 229 2.17 16.09 -20.61
C THR B 229 2.04 14.82 -21.43
N LEU B 230 1.02 14.03 -21.12
CA LEU B 230 0.63 12.88 -21.92
C LEU B 230 -0.77 13.13 -22.48
N TYR B 231 -1.12 12.37 -23.52
CA TYR B 231 -2.33 12.62 -24.28
C TYR B 231 -3.21 11.38 -24.33
N ASP B 232 -4.53 11.60 -24.23
CA ASP B 232 -5.51 10.53 -24.22
C ASP B 232 -5.92 10.16 -25.65
N CYS B 233 -7.01 9.42 -25.79
CA CYS B 233 -7.40 8.89 -27.08
C CYS B 233 -7.72 9.99 -28.09
N LEU B 234 -8.38 11.06 -27.66
CA LEU B 234 -8.67 12.19 -28.54
C LEU B 234 -7.64 13.30 -28.44
N ASP B 235 -6.43 12.97 -27.98
CA ASP B 235 -5.30 13.91 -27.95
C ASP B 235 -5.52 15.08 -27.01
N ARG B 236 -6.26 14.87 -25.93
CA ARG B 236 -6.37 15.90 -24.89
C ARG B 236 -5.15 15.85 -23.98
N ALA B 237 -4.66 17.02 -23.60
CA ALA B 237 -3.44 17.14 -22.82
C ALA B 237 -3.73 16.93 -21.34
N TRP B 238 -2.98 16.02 -20.71
CA TRP B 238 -3.10 15.75 -19.28
C TRP B 238 -1.73 15.86 -18.64
N GLN B 239 -1.61 16.73 -17.65
CA GLN B 239 -0.37 16.87 -16.90
C GLN B 239 -0.20 15.66 -15.98
N CYS B 240 0.89 14.91 -16.17
CA CYS B 240 1.22 13.81 -15.27
C CYS B 240 2.52 14.06 -14.53
N GLY B 241 3.64 14.19 -15.22
CA GLY B 241 4.90 14.41 -14.55
C GLY B 241 5.11 15.86 -14.18
N THR B 242 5.73 16.09 -13.02
CA THR B 242 5.98 17.44 -12.58
C THR B 242 7.22 17.48 -11.70
N VAL B 243 8.05 18.49 -11.91
CA VAL B 243 9.22 18.77 -11.08
C VAL B 243 9.14 20.23 -10.66
N GLN B 244 9.16 20.48 -9.36
CA GLN B 244 8.93 21.82 -8.82
C GLN B 244 10.10 22.22 -7.92
N LEU B 245 10.61 23.44 -8.13
CA LEU B 245 11.79 23.94 -7.43
C LEU B 245 11.36 25.00 -6.43
N ASP B 246 11.53 24.71 -5.14
CA ASP B 246 10.87 25.45 -4.06
C ASP B 246 11.91 26.03 -3.12
N PHE B 247 11.93 27.35 -3.01
CA PHE B 247 12.86 28.08 -2.14
C PHE B 247 12.20 28.68 -0.91
N SER B 248 10.91 28.43 -0.70
CA SER B 248 10.16 29.16 0.33
C SER B 248 9.56 28.29 1.42
N LEU B 249 9.01 27.13 1.06
CA LEU B 249 8.32 26.31 2.06
C LEU B 249 9.21 25.82 3.19
N PRO B 250 10.43 25.34 2.96
CA PRO B 250 11.24 24.88 4.11
C PRO B 250 11.47 25.96 5.15
N SER B 251 11.66 27.21 4.71
CA SER B 251 11.82 28.32 5.67
C SER B 251 10.53 28.54 6.47
N ARG B 252 9.38 28.49 5.80
CA ARG B 252 8.12 28.73 6.49
C ARG B 252 7.82 27.65 7.52
N LEU B 253 8.31 26.43 7.30
CA LEU B 253 8.06 25.31 8.19
C LEU B 253 9.25 25.01 9.09
N SER B 254 10.21 25.94 9.19
CA SER B 254 11.33 25.84 10.13
C SER B 254 12.19 24.60 9.87
N ALA B 255 12.37 24.27 8.59
CA ALA B 255 13.30 23.22 8.22
C ALA B 255 14.72 23.78 8.14
N SER B 256 15.68 23.05 8.71
CA SER B 256 17.05 23.54 8.75
C SER B 256 18.00 22.36 8.90
N TYR B 257 19.26 22.61 8.58
CA TYR B 257 20.32 21.62 8.75
C TYR B 257 21.61 22.34 9.11
N VAL B 258 22.52 21.60 9.74
CA VAL B 258 23.84 22.13 10.09
C VAL B 258 24.77 21.91 8.90
N GLY B 259 25.27 23.02 8.34
CA GLY B 259 26.15 22.95 7.20
C GLY B 259 27.56 22.56 7.57
N GLU B 260 28.42 22.48 6.55
CA GLU B 260 29.82 22.17 6.78
C GLU B 260 30.49 23.22 7.65
N ASP B 261 29.99 24.46 7.61
CA ASP B 261 30.52 25.55 8.42
C ASP B 261 29.92 25.62 9.81
N ASN B 262 29.13 24.62 10.21
CA ASN B 262 28.45 24.56 11.50
C ASN B 262 27.44 25.70 11.65
N GLU B 263 26.92 26.22 10.55
CA GLU B 263 25.89 27.27 10.60
C GLU B 263 24.54 26.70 10.17
N ARG B 264 23.49 27.18 10.83
CA ARG B 264 22.15 26.77 10.48
C ARG B 264 21.82 27.23 9.07
N LYS B 265 21.35 26.30 8.23
CA LYS B 265 20.99 26.61 6.86
C LYS B 265 19.67 25.96 6.51
N VAL B 266 18.91 26.62 5.65
CA VAL B 266 17.60 26.15 5.21
C VAL B 266 17.77 25.35 3.93
N PRO B 267 17.29 24.10 3.87
CA PRO B 267 17.46 23.30 2.66
C PRO B 267 16.53 23.72 1.54
N VAL B 268 16.99 23.48 0.31
CA VAL B 268 16.14 23.59 -0.86
C VAL B 268 15.29 22.34 -0.98
N MET B 269 14.03 22.51 -1.39
CA MET B 269 13.13 21.38 -1.57
C MET B 269 12.72 21.28 -3.03
N ILE B 270 12.82 20.07 -3.58
CA ILE B 270 12.35 19.76 -4.92
C ILE B 270 11.14 18.86 -4.79
N HIS B 271 10.02 19.30 -5.35
CA HIS B 271 8.79 18.50 -5.39
C HIS B 271 8.74 17.79 -6.74
N ARG B 272 8.46 16.50 -6.69
CA ARG B 272 8.33 15.74 -7.91
C ARG B 272 7.42 14.55 -7.85
N ALA B 273 6.63 14.35 -8.90
CA ALA B 273 5.83 13.15 -9.05
C ALA B 273 6.08 12.62 -10.46
N ILE B 274 6.42 11.34 -10.56
CA ILE B 274 6.82 10.79 -11.85
C ILE B 274 5.58 10.42 -12.66
N LEU B 275 4.77 9.49 -12.14
CA LEU B 275 3.52 9.13 -12.81
C LEU B 275 2.49 10.24 -12.70
N GLY B 276 2.61 11.12 -11.71
CA GLY B 276 1.58 12.10 -11.42
C GLY B 276 0.65 11.59 -10.33
N SER B 277 -0.51 11.08 -10.73
CA SER B 277 -1.39 10.35 -9.84
C SER B 277 -1.62 8.97 -10.44
N MET B 278 -1.78 7.98 -9.57
CA MET B 278 -2.04 6.61 -10.03
C MET B 278 -3.35 6.55 -10.80
N GLU B 279 -4.36 7.29 -10.36
CA GLU B 279 -5.66 7.27 -11.03
C GLU B 279 -5.55 7.81 -12.45
N ARG B 280 -4.93 8.98 -12.61
CA ARG B 280 -4.81 9.56 -13.94
C ARG B 280 -3.90 8.73 -14.83
N PHE B 281 -2.81 8.21 -14.28
CA PHE B 281 -1.88 7.41 -15.09
C PHE B 281 -2.52 6.11 -15.54
N ILE B 282 -3.30 5.46 -14.66
CA ILE B 282 -4.00 4.24 -15.05
C ILE B 282 -4.99 4.55 -16.17
N GLY B 283 -5.65 5.70 -16.09
CA GLY B 283 -6.52 6.11 -17.18
C GLY B 283 -5.77 6.31 -18.48
N ILE B 284 -4.58 6.92 -18.41
CA ILE B 284 -3.75 7.09 -19.60
C ILE B 284 -3.36 5.74 -20.17
N LEU B 285 -2.94 4.81 -19.30
CA LEU B 285 -2.53 3.49 -19.76
C LEU B 285 -3.69 2.74 -20.40
N THR B 286 -4.88 2.85 -19.81
CA THR B 286 -6.04 2.12 -20.34
C THR B 286 -6.36 2.55 -21.76
N GLU B 287 -6.33 3.87 -22.02
CA GLU B 287 -6.60 4.35 -23.36
C GLU B 287 -5.43 4.09 -24.30
N GLU B 288 -4.20 4.15 -23.79
CA GLU B 288 -3.03 3.91 -24.65
C GLU B 288 -3.02 2.48 -25.16
N PHE B 289 -3.36 1.51 -24.31
CA PHE B 289 -3.32 0.10 -24.67
C PHE B 289 -4.69 -0.45 -25.07
N ALA B 290 -5.76 0.35 -24.97
CA ALA B 290 -7.11 -0.08 -25.32
C ALA B 290 -7.53 -1.32 -24.51
N GLY B 291 -7.07 -1.39 -23.27
CA GLY B 291 -7.36 -2.52 -22.40
C GLY B 291 -6.44 -3.71 -22.58
N PHE B 292 -5.54 -3.68 -23.55
CA PHE B 292 -4.56 -4.75 -23.75
C PHE B 292 -3.31 -4.42 -22.94
N PHE B 293 -3.46 -4.52 -21.62
CA PHE B 293 -2.36 -4.20 -20.72
C PHE B 293 -1.19 -5.15 -20.96
N PRO B 294 0.05 -4.67 -20.84
CA PRO B 294 1.20 -5.58 -20.92
C PRO B 294 1.11 -6.63 -19.81
N THR B 295 1.74 -7.78 -20.08
CA THR B 295 1.55 -8.96 -19.24
C THR B 295 1.91 -8.67 -17.77
N TRP B 296 2.97 -7.90 -17.54
CA TRP B 296 3.34 -7.58 -16.16
C TRP B 296 2.28 -6.73 -15.47
N LEU B 297 1.42 -6.06 -16.23
CA LEU B 297 0.36 -5.22 -15.66
C LEU B 297 -1.01 -5.87 -15.70
N ALA B 298 -1.18 -6.96 -16.44
CA ALA B 298 -2.50 -7.55 -16.62
C ALA B 298 -3.05 -8.05 -15.29
N PRO B 299 -4.30 -7.72 -14.95
CA PRO B 299 -4.87 -8.19 -13.68
C PRO B 299 -4.86 -9.71 -13.55
N VAL B 300 -5.19 -10.42 -14.62
CA VAL B 300 -5.09 -11.88 -14.68
C VAL B 300 -4.22 -12.21 -15.88
N GLN B 301 -3.07 -12.83 -15.64
CA GLN B 301 -2.12 -13.03 -16.71
C GLN B 301 -2.42 -14.29 -17.51
N VAL B 302 -2.88 -15.34 -16.84
CA VAL B 302 -3.12 -16.64 -17.48
C VAL B 302 -4.43 -17.21 -16.98
N VAL B 303 -5.20 -17.81 -17.89
CA VAL B 303 -6.36 -18.61 -17.55
C VAL B 303 -6.16 -20.00 -18.13
N ILE B 304 -6.29 -21.03 -17.28
CA ILE B 304 -6.18 -22.42 -17.69
C ILE B 304 -7.56 -23.04 -17.63
N MET B 305 -7.99 -23.66 -18.73
CA MET B 305 -9.32 -24.24 -18.84
C MET B 305 -9.23 -25.68 -19.30
N ASN B 306 -10.17 -26.49 -18.84
CA ASN B 306 -10.33 -27.86 -19.28
C ASN B 306 -11.39 -27.94 -20.36
N ILE B 307 -11.25 -28.92 -21.23
CA ILE B 307 -12.27 -29.15 -22.25
C ILE B 307 -13.44 -29.94 -21.65
N THR B 308 -13.15 -30.98 -20.88
CA THR B 308 -14.15 -31.76 -20.16
C THR B 308 -13.72 -31.92 -18.71
N ASP B 309 -14.50 -32.69 -17.95
CA ASP B 309 -14.15 -33.02 -16.57
C ASP B 309 -12.84 -33.81 -16.53
N SER B 310 -12.57 -34.62 -17.55
CA SER B 310 -11.45 -35.55 -17.50
C SER B 310 -10.13 -34.84 -17.23
N GLN B 311 -9.99 -33.58 -17.64
CA GLN B 311 -8.78 -32.81 -17.44
C GLN B 311 -8.88 -31.83 -16.28
N SER B 312 -9.97 -31.88 -15.51
CA SER B 312 -10.17 -30.91 -14.44
C SER B 312 -9.07 -31.00 -13.38
N GLU B 313 -8.66 -32.22 -13.03
CA GLU B 313 -7.54 -32.36 -12.11
C GLU B 313 -6.29 -31.69 -12.69
N TYR B 314 -5.90 -32.08 -13.91
CA TYR B 314 -4.65 -31.61 -14.50
C TYR B 314 -4.59 -30.10 -14.56
N VAL B 315 -5.74 -29.45 -14.81
CA VAL B 315 -5.77 -27.99 -14.81
C VAL B 315 -5.45 -27.45 -13.42
N ASN B 316 -5.97 -28.10 -12.37
CA ASN B 316 -5.73 -27.63 -11.02
C ASN B 316 -4.25 -27.70 -10.64
N GLU B 317 -3.57 -28.80 -11.02
CA GLU B 317 -2.15 -28.90 -10.70
C GLU B 317 -1.34 -27.81 -11.40
N LEU B 318 -1.66 -27.54 -12.67
CA LEU B 318 -0.96 -26.47 -13.38
C LEU B 318 -1.22 -25.11 -12.76
N THR B 319 -2.47 -24.85 -12.36
CA THR B 319 -2.81 -23.57 -11.77
C THR B 319 -2.00 -23.32 -10.50
N GLN B 320 -1.86 -24.34 -9.66
CA GLN B 320 -1.00 -24.23 -8.49
C GLN B 320 0.45 -24.04 -8.89
N LYS B 321 0.91 -24.76 -9.92
CA LYS B 321 2.31 -24.71 -10.30
C LYS B 321 2.66 -23.37 -10.95
N LEU B 322 1.75 -22.82 -11.75
CA LEU B 322 1.96 -21.49 -12.30
C LEU B 322 1.86 -20.41 -11.23
N SER B 323 0.91 -20.57 -10.29
CA SER B 323 0.77 -19.59 -9.22
C SER B 323 1.98 -19.59 -8.30
N ASN B 324 2.52 -20.76 -8.00
CA ASN B 324 3.74 -20.84 -7.20
C ASN B 324 4.93 -20.23 -7.91
N ALA B 325 4.87 -20.08 -9.23
CA ALA B 325 5.91 -19.43 -10.00
C ALA B 325 5.77 -17.92 -10.06
N GLY B 326 4.78 -17.36 -9.35
CA GLY B 326 4.59 -15.93 -9.33
C GLY B 326 3.70 -15.37 -10.42
N ILE B 327 2.90 -16.21 -11.06
CA ILE B 327 2.03 -15.79 -12.17
C ILE B 327 0.61 -15.69 -11.66
N ARG B 328 -0.05 -14.57 -11.95
CA ARG B 328 -1.45 -14.38 -11.62
C ARG B 328 -2.29 -15.23 -12.56
N VAL B 329 -2.71 -16.41 -12.10
CA VAL B 329 -3.35 -17.41 -12.94
C VAL B 329 -4.66 -17.84 -12.29
N LYS B 330 -5.66 -18.10 -13.12
CA LYS B 330 -6.96 -18.59 -12.68
C LYS B 330 -7.35 -19.82 -13.47
N ALA B 331 -8.05 -20.74 -12.82
CA ALA B 331 -8.58 -21.93 -13.46
C ALA B 331 -10.06 -21.73 -13.76
N ASP B 332 -10.48 -22.11 -14.96
CA ASP B 332 -11.87 -22.02 -15.40
C ASP B 332 -12.37 -23.45 -15.60
N LEU B 333 -12.99 -24.00 -14.55
CA LEU B 333 -13.51 -25.36 -14.57
C LEU B 333 -15.02 -25.40 -14.71
N ARG B 334 -15.62 -24.32 -15.20
CA ARG B 334 -17.07 -24.23 -15.28
C ARG B 334 -17.62 -25.27 -16.27
N ASN B 335 -18.92 -25.53 -16.15
CA ASN B 335 -19.61 -26.45 -17.05
C ASN B 335 -20.08 -25.67 -18.28
N GLU B 336 -19.10 -25.29 -19.10
CA GLU B 336 -19.36 -24.54 -20.32
C GLU B 336 -18.52 -25.12 -21.45
N LYS B 337 -18.95 -24.87 -22.67
CA LYS B 337 -18.15 -25.25 -23.84
C LYS B 337 -16.80 -24.54 -23.80
N ILE B 338 -15.78 -25.24 -24.28
CA ILE B 338 -14.44 -24.67 -24.25
C ILE B 338 -14.39 -23.38 -25.06
N GLY B 339 -15.10 -23.35 -26.21
CA GLY B 339 -15.17 -22.14 -27.00
C GLY B 339 -15.83 -20.99 -26.26
N PHE B 340 -16.83 -21.29 -25.43
CA PHE B 340 -17.44 -20.26 -24.59
C PHE B 340 -16.42 -19.68 -23.62
N LYS B 341 -15.62 -20.56 -23.00
CA LYS B 341 -14.64 -20.09 -22.02
C LYS B 341 -13.58 -19.22 -22.67
N ILE B 342 -13.08 -19.62 -23.85
CA ILE B 342 -12.02 -18.85 -24.50
C ILE B 342 -12.51 -17.45 -24.83
N ARG B 343 -13.73 -17.34 -25.36
CA ARG B 343 -14.24 -16.04 -25.77
C ARG B 343 -14.37 -15.09 -24.58
N GLU B 344 -14.81 -15.61 -23.43
CA GLU B 344 -15.00 -14.76 -22.26
C GLU B 344 -13.67 -14.17 -21.78
N HIS B 345 -12.62 -14.99 -21.73
CA HIS B 345 -11.33 -14.50 -21.28
C HIS B 345 -10.61 -13.70 -22.36
N THR B 346 -10.91 -13.96 -23.63
CA THR B 346 -10.39 -13.11 -24.69
C THR B 346 -10.96 -11.70 -24.59
N LEU B 347 -12.27 -11.58 -24.30
CA LEU B 347 -12.87 -10.27 -24.14
C LEU B 347 -12.35 -9.55 -22.91
N ARG B 348 -11.92 -10.31 -21.90
CA ARG B 348 -11.31 -9.73 -20.71
C ARG B 348 -9.83 -9.39 -20.92
N ARG B 349 -9.31 -9.61 -22.12
CA ARG B 349 -7.93 -9.25 -22.48
C ARG B 349 -6.92 -9.96 -21.60
N VAL B 350 -7.21 -11.22 -21.27
CA VAL B 350 -6.25 -12.08 -20.58
C VAL B 350 -5.13 -12.40 -21.56
N PRO B 351 -3.87 -12.11 -21.22
CA PRO B 351 -2.79 -12.26 -22.22
C PRO B 351 -2.67 -13.67 -22.79
N TYR B 352 -2.71 -14.69 -21.94
CA TYR B 352 -2.51 -16.07 -22.38
C TYR B 352 -3.61 -16.96 -21.84
N MET B 353 -4.11 -17.85 -22.70
CA MET B 353 -5.13 -18.82 -22.34
C MET B 353 -4.58 -20.22 -22.61
N LEU B 354 -4.62 -21.07 -21.58
CA LEU B 354 -4.07 -22.42 -21.66
C LEU B 354 -5.22 -23.41 -21.71
N VAL B 355 -5.29 -24.17 -22.80
CA VAL B 355 -6.34 -25.16 -23.03
C VAL B 355 -5.73 -26.54 -22.83
N CYS B 356 -6.43 -27.39 -22.07
CA CYS B 356 -5.93 -28.71 -21.71
C CYS B 356 -6.94 -29.76 -22.15
N GLY B 357 -6.61 -30.47 -23.24
CA GLY B 357 -7.34 -31.65 -23.64
C GLY B 357 -6.71 -32.93 -23.12
N ASP B 358 -7.23 -34.05 -23.62
CA ASP B 358 -6.68 -35.35 -23.21
C ASP B 358 -5.23 -35.51 -23.65
N LYS B 359 -4.91 -35.08 -24.88
CA LYS B 359 -3.54 -35.20 -25.36
C LYS B 359 -2.58 -34.31 -24.57
N GLU B 360 -3.05 -33.15 -24.11
CA GLU B 360 -2.22 -32.31 -23.25
C GLU B 360 -1.91 -33.01 -21.94
N VAL B 361 -2.90 -33.67 -21.35
CA VAL B 361 -2.69 -34.38 -20.09
C VAL B 361 -1.69 -35.51 -20.27
N GLU B 362 -1.83 -36.29 -21.34
CA GLU B 362 -0.95 -37.43 -21.57
C GLU B 362 0.49 -37.00 -21.85
N SER B 363 0.67 -35.85 -22.49
CA SER B 363 1.99 -35.38 -22.88
C SER B 363 2.62 -34.41 -21.90
N GLY B 364 1.89 -34.00 -20.86
CA GLY B 364 2.41 -33.00 -19.95
C GLY B 364 2.65 -31.66 -20.60
N LYS B 365 1.90 -31.33 -21.65
CA LYS B 365 2.02 -30.08 -22.38
C LYS B 365 0.75 -29.26 -22.19
N VAL B 366 0.68 -28.14 -22.89
CA VAL B 366 -0.48 -27.26 -22.83
C VAL B 366 -0.61 -26.52 -24.16
N ALA B 367 -1.85 -26.27 -24.56
CA ALA B 367 -2.14 -25.54 -25.79
C ALA B 367 -2.32 -24.06 -25.44
N VAL B 368 -1.55 -23.20 -26.10
CA VAL B 368 -1.43 -21.80 -25.73
C VAL B 368 -2.00 -20.94 -26.84
N ARG B 369 -2.90 -20.02 -26.48
CA ARG B 369 -3.41 -19.01 -27.39
C ARG B 369 -3.48 -17.68 -26.64
N THR B 370 -3.44 -16.59 -27.40
CA THR B 370 -3.37 -15.25 -26.83
C THR B 370 -4.68 -14.50 -27.06
N ARG B 371 -4.81 -13.38 -26.35
CA ARG B 371 -5.99 -12.52 -26.48
C ARG B 371 -6.09 -11.90 -27.86
N ARG B 372 -4.99 -11.84 -28.61
CA ARG B 372 -5.00 -11.30 -29.96
C ARG B 372 -5.38 -12.33 -31.02
N GLY B 373 -5.70 -13.55 -30.60
CA GLY B 373 -6.10 -14.60 -31.52
C GLY B 373 -4.98 -15.46 -32.05
N LYS B 374 -3.73 -15.21 -31.64
CA LYS B 374 -2.61 -16.02 -32.10
C LYS B 374 -2.62 -17.38 -31.42
N ASP B 375 -2.45 -18.43 -32.22
CA ASP B 375 -2.40 -19.80 -31.73
C ASP B 375 -0.95 -20.27 -31.72
N LEU B 376 -0.42 -20.56 -30.53
CA LEU B 376 0.97 -20.94 -30.37
C LEU B 376 1.18 -22.45 -30.29
N GLY B 377 0.11 -23.24 -30.37
CA GLY B 377 0.24 -24.68 -30.34
C GLY B 377 0.60 -25.23 -28.96
N SER B 378 0.94 -26.53 -28.95
CA SER B 378 1.37 -27.17 -27.72
C SER B 378 2.78 -26.73 -27.36
N MET B 379 2.98 -26.35 -26.10
CA MET B 379 4.29 -25.98 -25.61
C MET B 379 4.53 -26.65 -24.28
N ASP B 380 5.80 -26.92 -23.97
CA ASP B 380 6.15 -27.52 -22.70
C ASP B 380 5.75 -26.60 -21.56
N VAL B 381 5.31 -27.21 -20.45
CA VAL B 381 4.80 -26.43 -19.33
C VAL B 381 5.88 -25.54 -18.75
N ASN B 382 7.07 -26.10 -18.51
CA ASN B 382 8.17 -25.31 -17.97
C ASN B 382 8.64 -24.26 -18.97
N GLU B 383 8.50 -24.53 -20.27
CA GLU B 383 8.78 -23.52 -21.27
C GLU B 383 7.78 -22.38 -21.19
N VAL B 384 6.51 -22.69 -20.88
CA VAL B 384 5.51 -21.65 -20.68
C VAL B 384 5.90 -20.76 -19.52
N ILE B 385 6.28 -21.37 -18.40
CA ILE B 385 6.51 -20.62 -17.16
C ILE B 385 7.73 -19.71 -17.31
N GLU B 386 8.83 -20.25 -17.87
CA GLU B 386 10.04 -19.44 -18.02
C GLU B 386 9.80 -18.25 -18.95
N LYS B 387 9.11 -18.47 -20.06
CA LYS B 387 8.81 -17.37 -20.97
C LYS B 387 7.89 -16.35 -20.30
N LEU B 388 6.91 -16.83 -19.54
CA LEU B 388 6.04 -15.93 -18.79
C LEU B 388 6.82 -15.15 -17.75
N GLN B 389 7.70 -15.83 -17.02
CA GLN B 389 8.49 -15.16 -15.99
C GLN B 389 9.40 -14.10 -16.60
N GLN B 390 10.02 -14.41 -17.75
CA GLN B 390 10.86 -13.44 -18.43
C GLN B 390 10.04 -12.22 -18.88
N GLU B 391 8.82 -12.46 -19.37
CA GLU B 391 7.99 -11.34 -19.82
C GLU B 391 7.61 -10.43 -18.65
N ILE B 392 7.26 -11.02 -17.50
CA ILE B 392 6.95 -10.22 -16.32
C ILE B 392 8.21 -9.57 -15.76
N ARG B 393 9.32 -10.31 -15.76
CA ARG B 393 10.57 -9.80 -15.19
C ARG B 393 11.03 -8.53 -15.91
N SER B 394 11.05 -8.56 -17.23
CA SER B 394 11.55 -7.44 -18.02
C SER B 394 10.50 -6.35 -18.24
N ARG B 395 9.26 -6.57 -17.80
CA ARG B 395 8.15 -5.64 -18.04
C ARG B 395 8.03 -5.33 -19.53
N SER B 396 8.07 -6.39 -20.34
CA SER B 396 8.06 -6.26 -21.78
C SER B 396 6.74 -5.67 -22.26
N LEU B 397 6.83 -4.86 -23.33
CA LEU B 397 5.64 -4.25 -23.90
C LEU B 397 4.83 -5.20 -24.76
N LYS B 398 5.52 -6.10 -25.42
CA LYS B 398 4.81 -6.97 -26.32
C LYS B 398 4.99 -8.38 -25.93
N GLN B 399 4.00 -9.18 -26.25
CA GLN B 399 4.15 -10.58 -26.02
C GLN B 399 5.28 -11.00 -26.92
N LEU B 400 6.15 -11.86 -26.45
CA LEU B 400 7.30 -12.29 -27.24
C LEU B 400 6.87 -12.82 -28.61
PB ATP C . -13.57 -1.98 18.06
O1B ATP C . -12.27 -1.84 18.96
O2B ATP C . -14.18 -0.58 17.93
O3B ATP C . -14.49 -3.01 18.57
PA ATP C . -13.52 -2.88 15.23
O1A ATP C . -13.97 -4.33 15.42
O2A ATP C . -14.55 -1.98 14.69
O3A ATP C . -12.96 -2.37 16.64
O5' ATP C . -12.22 -2.88 14.34
C5' ATP C . -11.47 -4.08 14.09
C4' ATP C . -10.07 -3.91 14.63
O4' ATP C . -9.61 -2.57 14.37
C3' ATP C . -9.92 -4.08 16.13
O3' ATP C . -9.81 -5.46 16.49
C2' ATP C . -8.62 -3.32 16.42
O2' ATP C . -7.48 -4.13 16.25
C1' ATP C . -8.65 -2.21 15.36
N9 ATP C . -8.99 -0.88 15.87
C8 ATP C . -10.24 -0.39 16.13
N7 ATP C . -10.25 0.84 16.60
C5 ATP C . -8.91 1.18 16.65
C6 ATP C . -8.25 2.35 17.05
N6 ATP C . -8.87 3.45 17.49
N1 ATP C . -6.90 2.36 16.96
C2 ATP C . -6.26 1.28 16.52
N3 ATP C . -6.79 0.12 16.12
C4 ATP C . -8.12 0.13 16.20
ZN ZN D . -16.95 -4.58 8.50
PA ATP E . -0.14 19.01 -8.84
O1A ATP E . 1.19 19.45 -9.43
O2A ATP E . -0.55 19.72 -7.60
O3A ATP E . -1.25 19.16 -9.99
O5' ATP E . -0.09 17.45 -8.62
C5' ATP E . 0.91 16.63 -9.26
C4' ATP E . 0.22 15.61 -10.13
O4' ATP E . -0.99 15.16 -9.50
C3' ATP E . -0.24 16.13 -11.49
O3' ATP E . 0.84 16.06 -12.42
C2' ATP E . -1.36 15.15 -11.85
O2' ATP E . -0.87 14.00 -12.53
C1' ATP E . -1.93 14.76 -10.48
N9 ATP E . -3.21 15.38 -10.17
C8 ATP E . -3.43 16.65 -9.69
N7 ATP E . -4.69 16.94 -9.50
C5 ATP E . -5.36 15.78 -9.88
C6 ATP E . -6.72 15.43 -9.90
N6 ATP E . -7.71 16.26 -9.54
N1 ATP E . -7.05 14.20 -10.33
C2 ATP E . -6.06 13.36 -10.70
N3 ATP E . -4.75 13.58 -10.71
C4 ATP E . -4.45 14.81 -10.29
ZN ZN F . 5.01 18.91 -2.82
#